data_6ILL
#
_entry.id   6ILL
#
loop_
_entity.id
_entity.type
_entity.pdbx_description
1 polymer 'Capsid protein VP1'
2 polymer 'Capsid protein VP2'
3 polymer 'Capsid protein VP3'
4 polymer 'Capsid protein VP4'
#
loop_
_entity_poly.entity_id
_entity_poly.type
_entity_poly.pdbx_seq_one_letter_code
_entity_poly.pdbx_strand_id
1 'polypeptide(L)'
;VVRVADTMPSGPSNSESIPALTAAETGHTSQVVPSDTIQTRHVRNFHVRSESSVENFLSRSACVYIVEYKTRDDTPDKMY
DSWVINTRQVAQLRRKLEFFTYVRFDVEVTFVITSVQDDSTRQNTDTPALTHQIMYVPPGGPIPQAVDDYNWQTSTNPSV
FWTEGNAPPRMSIPFMSVGNAYSNFYDGWSHFSQTGVYGFNTLNNMGKLYFRHVNDKTISPITSKVRIYFKPKHVKAWVP
RPPRLCEYTHKDNVDFEPKGVTTSRTQLTISNS
;
A
2 'polypeptide(L)'
;SDRVRSITLGNSTITTQESANVVVGYGVWPDYLSDEEATAEDQPTQPDVATCRFYTLDSVSWMKESQGWWWKFPDALRDM
GLFGQNMQYHYLGRSGYTIHVQCNASKFHQGCLLVVCVPEAEMGAANINEKINREHLSNGEVANTFSGTKSSNTNDVQQA
VFNAGMGVAVGNLTIFPHQWINLRTNNCATIVMPYINSVPMDNMFRHYNFTLMIIPFAKLDYAAGSSTYIPITVTVAPMC
AEYNGLRLAGHQ
;
B
3 'polypeptide(L)'
;GLPVMNTPGSNQFLTSDDYQSPTAMPQFDVTPEMNIPGEVKNLMEIAEVDSVVPVNNVNENVNSLEAYRIPVHSVTETGA
QVFGFTLQPGADTVMERTLLGEILNYYANWSGSIKLTFMYCGSAMATGKFLLAYSPPGAGVPKNRREAMLGTHIIWDIGL
QSSCVLCVPWISQTHYRFVSKDIYTDAGFITCWYQTSIVVPAEVQNQSVILCFVSACNDFSVRLLRDSPFVRQTAFYQ
;
C
4 'polypeptide(L)' GAQVSTQKTGAHETSLSASGNSTIHYTNINYYKDAASNSANRQDFTQDPGKFTEPVKDIMVKSLPALN D
#
# COMPACT_ATOMS: atom_id res chain seq x y z
N VAL A 1 23.09 -13.80 4.68
CA VAL A 1 22.60 -15.15 4.45
C VAL A 1 21.43 -15.42 5.39
N VAL A 2 20.22 -15.31 4.86
CA VAL A 2 18.99 -15.57 5.59
C VAL A 2 18.11 -16.45 4.71
N ARG A 3 17.79 -17.65 5.20
CA ARG A 3 16.93 -18.56 4.47
C ARG A 3 15.47 -18.33 4.85
N VAL A 4 14.58 -18.97 4.10
CA VAL A 4 13.17 -19.04 4.49
C VAL A 4 13.04 -20.14 5.52
N ALA A 5 11.89 -20.21 6.19
CA ALA A 5 11.68 -21.25 7.19
C ALA A 5 11.48 -22.61 6.53
N ASP A 6 11.95 -23.65 7.22
CA ASP A 6 11.81 -25.01 6.72
C ASP A 6 10.44 -25.57 7.08
N THR A 7 10.28 -26.88 6.91
CA THR A 7 9.06 -27.58 7.28
C THR A 7 9.38 -28.56 8.40
N MET A 8 8.67 -28.46 9.49
CA MET A 8 8.90 -29.42 10.55
C MET A 8 7.99 -30.63 10.37
N PRO A 9 8.42 -31.82 10.77
CA PRO A 9 7.55 -33.00 10.61
C PRO A 9 6.41 -32.99 11.62
N SER A 10 5.32 -33.66 11.22
CA SER A 10 4.13 -33.79 12.04
C SER A 10 3.61 -35.21 11.93
N GLY A 11 2.57 -35.51 12.71
CA GLY A 11 2.01 -36.85 12.72
C GLY A 11 0.52 -36.86 12.98
N PRO A 12 -0.02 -38.04 13.27
CA PRO A 12 -1.44 -38.15 13.65
C PRO A 12 -1.66 -37.51 15.00
N SER A 13 -2.67 -36.64 15.07
CA SER A 13 -2.89 -35.86 16.27
C SER A 13 -4.36 -35.85 16.64
N ASN A 14 -4.61 -35.76 17.95
CA ASN A 14 -5.95 -35.57 18.49
C ASN A 14 -5.78 -34.71 19.74
N SER A 15 -5.88 -33.40 19.55
CA SER A 15 -5.55 -32.44 20.60
C SER A 15 -6.66 -31.42 20.74
N GLU A 16 -6.62 -30.69 21.83
CA GLU A 16 -7.44 -29.51 22.01
C GLU A 16 -6.78 -28.27 21.41
N SER A 17 -5.54 -28.40 20.94
CA SER A 17 -4.87 -27.30 20.26
C SER A 17 -5.43 -27.16 18.86
N ILE A 18 -5.93 -25.98 18.54
CA ILE A 18 -6.61 -25.77 17.26
C ILE A 18 -5.92 -24.67 16.47
N PRO A 19 -4.99 -25.02 15.58
CA PRO A 19 -4.44 -24.02 14.66
C PRO A 19 -5.44 -23.56 13.63
N ALA A 20 -6.42 -24.40 13.29
CA ALA A 20 -7.39 -24.06 12.25
C ALA A 20 -8.34 -22.97 12.71
N LEU A 21 -8.75 -23.00 13.97
CA LEU A 21 -9.66 -21.99 14.49
C LEU A 21 -8.86 -20.81 15.02
N THR A 22 -9.19 -19.62 14.51
CA THR A 22 -8.56 -18.38 14.96
C THR A 22 -9.63 -17.29 14.98
N ALA A 23 -9.27 -16.16 15.55
CA ALA A 23 -10.16 -14.99 15.61
C ALA A 23 -9.64 -13.95 14.63
N ALA A 24 -10.20 -13.93 13.43
CA ALA A 24 -9.88 -12.87 12.47
C ALA A 24 -10.59 -11.57 12.79
N GLU A 25 -11.43 -11.54 13.82
CA GLU A 25 -12.16 -10.36 14.25
C GLU A 25 -11.34 -9.43 15.12
N THR A 26 -10.06 -9.73 15.32
CA THR A 26 -9.15 -8.88 16.08
C THR A 26 -8.12 -8.20 15.20
N GLY A 27 -8.14 -8.46 13.89
CA GLY A 27 -7.10 -7.94 13.03
C GLY A 27 -5.80 -8.71 13.05
N HIS A 28 -5.67 -9.71 13.92
CA HIS A 28 -4.49 -10.56 13.94
C HIS A 28 -4.51 -11.51 12.75
N THR A 29 -3.45 -11.47 11.96
CA THR A 29 -3.27 -12.37 10.84
C THR A 29 -2.77 -13.71 11.38
N SER A 30 -3.48 -14.79 11.05
CA SER A 30 -3.15 -16.11 11.56
C SER A 30 -1.82 -16.60 11.01
N GLN A 31 -1.18 -17.51 11.75
CA GLN A 31 0.20 -17.90 11.46
C GLN A 31 0.33 -19.42 11.33
N VAL A 32 -0.51 -20.03 10.52
CA VAL A 32 -0.53 -21.50 10.42
C VAL A 32 0.51 -21.96 9.41
N VAL A 33 1.47 -22.74 9.90
CA VAL A 33 2.49 -23.42 9.09
C VAL A 33 1.79 -24.65 8.50
N PRO A 34 2.12 -25.09 7.28
CA PRO A 34 1.49 -26.32 6.74
C PRO A 34 1.77 -27.60 7.52
N SER A 35 2.68 -27.60 8.50
CA SER A 35 2.89 -28.72 9.39
C SER A 35 1.79 -28.88 10.45
N ASP A 36 0.69 -28.14 10.39
CA ASP A 36 -0.38 -28.26 11.36
C ASP A 36 -1.73 -28.62 10.75
N THR A 37 -1.83 -28.73 9.43
CA THR A 37 -3.06 -29.21 8.79
C THR A 37 -2.96 -30.67 8.39
N ILE A 38 -1.99 -31.02 7.54
CA ILE A 38 -1.81 -32.41 7.14
C ILE A 38 -0.43 -32.89 7.54
N GLN A 39 -0.13 -34.15 7.26
CA GLN A 39 1.12 -34.76 7.69
C GLN A 39 2.21 -34.42 6.68
N THR A 40 2.92 -33.33 6.92
CA THR A 40 4.01 -32.90 6.05
C THR A 40 5.32 -33.50 6.50
N ARG A 41 6.18 -33.78 5.53
CA ARG A 41 7.46 -34.40 5.79
C ARG A 41 8.49 -33.36 6.18
N HIS A 42 9.75 -33.76 6.26
CA HIS A 42 10.85 -32.84 6.52
C HIS A 42 11.33 -32.25 5.20
N VAL A 43 11.29 -30.93 5.08
CA VAL A 43 11.71 -30.23 3.88
C VAL A 43 12.81 -29.25 4.26
N ARG A 44 14.00 -29.43 3.68
CA ARG A 44 15.11 -28.52 3.88
C ARG A 44 15.08 -27.53 2.73
N ASN A 45 14.35 -26.44 2.93
CA ASN A 45 14.06 -25.49 1.85
C ASN A 45 15.11 -24.39 1.83
N PHE A 46 15.73 -24.18 0.67
CA PHE A 46 16.83 -23.24 0.52
C PHE A 46 16.45 -21.99 -0.26
N HIS A 47 15.17 -21.60 -0.23
CA HIS A 47 14.79 -20.36 -0.87
C HIS A 47 15.29 -19.18 -0.05
N VAL A 48 15.79 -18.15 -0.74
CA VAL A 48 16.24 -16.92 -0.11
C VAL A 48 15.42 -15.78 -0.69
N ARG A 49 14.77 -15.02 0.18
CA ARG A 49 13.99 -13.86 -0.27
C ARG A 49 14.96 -12.74 -0.65
N SER A 50 15.57 -12.89 -1.82
CA SER A 50 16.65 -12.02 -2.25
C SER A 50 16.12 -10.88 -3.10
N GLU A 51 15.44 -11.21 -4.18
CA GLU A 51 15.03 -10.24 -5.19
C GLU A 51 13.63 -9.70 -4.92
N SER A 52 13.24 -9.67 -3.65
CA SER A 52 11.98 -9.07 -3.21
C SER A 52 12.20 -8.00 -2.16
N SER A 53 13.43 -7.63 -1.89
CA SER A 53 13.70 -6.56 -0.93
C SER A 53 13.33 -5.22 -1.54
N VAL A 54 13.10 -4.24 -0.66
CA VAL A 54 12.72 -2.90 -1.07
C VAL A 54 13.83 -2.21 -1.83
N GLU A 55 15.09 -2.56 -1.57
CA GLU A 55 16.18 -2.08 -2.40
C GLU A 55 16.12 -2.70 -3.79
N ASN A 56 15.96 -4.02 -3.88
CA ASN A 56 15.97 -4.70 -5.17
C ASN A 56 14.72 -4.42 -5.99
N PHE A 57 13.63 -4.00 -5.37
CA PHE A 57 12.38 -3.87 -6.09
C PHE A 57 12.28 -2.54 -6.83
N LEU A 58 12.93 -1.50 -6.32
CA LEU A 58 12.79 -0.16 -6.88
C LEU A 58 14.04 0.36 -7.57
N SER A 59 15.18 -0.30 -7.41
CA SER A 59 16.44 0.18 -7.99
C SER A 59 16.58 -0.33 -9.43
N ARG A 60 15.67 0.14 -10.27
CA ARG A 60 15.71 -0.08 -11.70
C ARG A 60 15.48 1.25 -12.40
N SER A 61 16.19 1.47 -13.50
CA SER A 61 16.08 2.73 -14.22
C SER A 61 14.73 2.81 -14.94
N ALA A 62 14.00 3.89 -14.70
CA ALA A 62 12.68 4.07 -15.29
C ALA A 62 12.55 5.47 -15.88
N CYS A 63 11.92 5.55 -17.05
CA CYS A 63 11.70 6.83 -17.70
C CYS A 63 10.65 7.65 -16.96
N VAL A 64 10.79 8.97 -17.00
CA VAL A 64 9.84 9.87 -16.38
C VAL A 64 9.23 10.86 -17.36
N TYR A 65 10.03 11.42 -18.28
CA TYR A 65 9.49 12.42 -19.19
C TYR A 65 10.41 12.54 -20.40
N ILE A 66 9.80 12.59 -21.57
CA ILE A 66 10.51 12.80 -22.83
C ILE A 66 10.57 14.30 -23.08
N VAL A 67 11.70 14.80 -23.54
CA VAL A 67 11.87 16.23 -23.80
C VAL A 67 12.28 16.43 -25.26
N GLU A 68 11.53 17.24 -26.00
CA GLU A 68 11.74 17.43 -27.42
C GLU A 68 12.00 18.90 -27.72
N TYR A 69 13.09 19.18 -28.43
CA TYR A 69 13.51 20.54 -28.71
C TYR A 69 14.47 20.52 -29.89
N LYS A 70 14.32 21.51 -30.79
CA LYS A 70 15.07 21.54 -32.04
C LYS A 70 16.22 22.55 -31.95
N THR A 71 17.10 22.51 -32.94
CA THR A 71 18.29 23.35 -32.88
C THR A 71 18.15 24.66 -33.64
N ARG A 72 17.20 24.77 -34.57
CA ARG A 72 16.84 26.07 -35.14
C ARG A 72 15.39 26.01 -35.56
N ASP A 73 14.64 27.06 -35.22
CA ASP A 73 13.24 27.21 -35.58
C ASP A 73 12.96 28.69 -35.77
N ASP A 74 11.67 29.04 -35.77
CA ASP A 74 11.27 30.43 -35.91
C ASP A 74 10.94 31.08 -34.57
N THR A 75 10.59 30.28 -33.57
CA THR A 75 10.19 30.75 -32.26
C THR A 75 11.21 30.35 -31.20
N PRO A 76 11.53 31.22 -30.24
CA PRO A 76 12.58 30.90 -29.27
C PRO A 76 12.20 29.88 -28.23
N ASP A 77 10.92 29.53 -28.09
CA ASP A 77 10.51 28.55 -27.10
C ASP A 77 10.48 27.12 -27.63
N LYS A 78 10.63 26.94 -28.94
CA LYS A 78 10.73 25.61 -29.53
C LYS A 78 12.19 25.17 -29.70
N MET A 79 13.13 25.96 -29.19
CA MET A 79 14.53 25.60 -29.29
C MET A 79 14.88 24.77 -28.06
N TYR A 80 15.17 25.45 -26.96
CA TYR A 80 15.50 24.78 -25.72
C TYR A 80 14.19 24.27 -25.13
N ASP A 81 14.25 23.42 -24.13
CA ASP A 81 13.04 22.91 -23.50
C ASP A 81 13.29 22.64 -22.03
N SER A 82 12.34 23.04 -21.19
CA SER A 82 12.48 22.85 -19.76
C SER A 82 11.55 21.74 -19.29
N TRP A 83 11.74 21.36 -18.03
CA TRP A 83 10.89 20.37 -17.40
C TRP A 83 10.94 20.54 -15.89
N VAL A 84 9.76 20.60 -15.28
CA VAL A 84 9.64 20.67 -13.83
C VAL A 84 9.78 19.27 -13.27
N ILE A 85 10.60 19.12 -12.24
CA ILE A 85 11.08 17.81 -11.81
C ILE A 85 10.02 17.11 -10.97
N ASN A 86 9.47 16.02 -11.50
CA ASN A 86 8.49 15.23 -10.79
C ASN A 86 8.50 13.81 -11.33
N THR A 87 8.12 12.86 -10.47
CA THR A 87 8.11 11.45 -10.82
C THR A 87 6.72 10.93 -11.12
N ARG A 88 5.72 11.80 -11.19
CA ARG A 88 4.32 11.39 -11.24
C ARG A 88 3.68 11.65 -12.60
N GLN A 89 4.40 11.39 -13.69
CA GLN A 89 3.84 11.55 -15.02
C GLN A 89 3.83 10.26 -15.85
N VAL A 90 4.48 9.20 -15.40
CA VAL A 90 4.44 7.89 -16.04
C VAL A 90 3.98 6.89 -14.99
N ALA A 91 2.97 6.08 -15.34
CA ALA A 91 2.26 5.28 -14.35
C ALA A 91 3.06 4.08 -13.83
N GLN A 92 4.14 3.69 -14.50
CA GLN A 92 4.89 2.52 -14.05
C GLN A 92 5.76 2.84 -12.85
N LEU A 93 6.63 3.85 -12.98
CA LEU A 93 7.49 4.26 -11.88
C LEU A 93 6.67 4.85 -10.74
N ARG A 94 5.62 5.60 -11.09
CA ARG A 94 4.72 6.15 -10.08
C ARG A 94 3.98 5.05 -9.33
N ARG A 95 3.49 4.04 -10.06
CA ARG A 95 2.74 2.97 -9.40
C ARG A 95 3.65 2.08 -8.56
N LYS A 96 4.92 1.92 -8.96
CA LYS A 96 5.86 1.20 -8.12
C LYS A 96 6.24 2.00 -6.88
N LEU A 97 6.26 3.33 -6.98
CA LEU A 97 6.57 4.10 -5.78
C LEU A 97 5.37 4.30 -4.87
N GLU A 98 4.14 4.09 -5.37
CA GLU A 98 2.95 4.30 -4.56
C GLU A 98 2.48 3.03 -3.84
N PHE A 99 3.38 2.12 -3.53
CA PHE A 99 3.10 1.16 -2.48
C PHE A 99 3.17 1.82 -1.11
N PHE A 100 3.97 2.86 -0.97
CA PHE A 100 4.35 3.38 0.34
C PHE A 100 3.77 4.75 0.55
N THR A 101 3.88 5.23 1.78
CA THR A 101 3.47 6.59 2.10
C THR A 101 4.65 7.54 2.17
N TYR A 102 5.77 7.08 2.73
CA TYR A 102 6.95 7.91 2.80
C TYR A 102 8.17 7.08 2.45
N VAL A 103 9.08 7.66 1.66
CA VAL A 103 10.30 7.00 1.21
C VAL A 103 11.48 7.95 1.35
N ARG A 104 12.68 7.36 1.39
CA ARG A 104 13.92 8.11 1.55
C ARG A 104 14.96 7.51 0.62
N PHE A 105 15.20 8.14 -0.52
CA PHE A 105 16.07 7.56 -1.53
C PHE A 105 16.91 8.65 -2.19
N ASP A 106 18.13 8.28 -2.58
CA ASP A 106 18.97 9.11 -3.42
C ASP A 106 18.72 8.77 -4.88
N VAL A 107 18.75 9.77 -5.74
CA VAL A 107 18.38 9.63 -7.14
C VAL A 107 19.65 9.62 -7.98
N GLU A 108 19.71 8.72 -8.96
CA GLU A 108 20.87 8.60 -9.84
C GLU A 108 20.38 8.72 -11.28
N VAL A 109 20.58 9.88 -11.89
CA VAL A 109 19.91 10.28 -13.12
C VAL A 109 20.77 9.91 -14.33
N THR A 110 20.14 9.40 -15.39
CA THR A 110 20.82 9.08 -16.64
C THR A 110 20.02 9.57 -17.82
N PHE A 111 20.63 10.41 -18.66
CA PHE A 111 19.99 10.99 -19.82
C PHE A 111 20.36 10.21 -21.08
N VAL A 112 19.37 9.97 -21.95
CA VAL A 112 19.61 9.28 -23.22
C VAL A 112 19.08 10.14 -24.35
N ILE A 113 19.98 10.62 -25.22
CA ILE A 113 19.67 11.65 -26.20
C ILE A 113 19.75 11.06 -27.59
N THR A 114 18.73 11.30 -28.41
CA THR A 114 18.75 10.92 -29.81
C THR A 114 18.45 12.13 -30.67
N SER A 115 19.08 12.21 -31.84
CA SER A 115 18.96 13.35 -32.74
C SER A 115 18.38 12.88 -34.06
N VAL A 116 17.26 13.47 -34.47
CA VAL A 116 16.60 13.15 -35.72
C VAL A 116 16.72 14.34 -36.65
N GLN A 117 17.26 14.11 -37.84
CA GLN A 117 17.37 15.19 -38.82
C GLN A 117 16.00 15.46 -39.43
N ASP A 118 15.61 16.74 -39.44
CA ASP A 118 14.32 17.12 -40.01
C ASP A 118 14.40 17.11 -41.53
N ASP A 119 13.23 17.30 -42.15
CA ASP A 119 13.12 17.36 -43.60
C ASP A 119 13.17 18.81 -44.03
N SER A 120 13.98 19.11 -45.05
CA SER A 120 14.08 20.43 -45.64
C SER A 120 14.59 20.27 -47.06
N THR A 121 14.93 21.39 -47.68
CA THR A 121 15.47 21.37 -49.04
C THR A 121 16.94 20.96 -49.05
N ARG A 122 17.69 21.33 -48.02
CA ARG A 122 19.14 21.22 -48.03
C ARG A 122 19.63 20.26 -46.97
N GLN A 123 19.05 19.07 -46.90
CA GLN A 123 19.42 18.09 -45.87
C GLN A 123 20.83 17.54 -46.06
N ASN A 124 21.41 17.65 -47.25
CA ASN A 124 22.75 17.12 -47.50
C ASN A 124 23.80 18.09 -46.95
N THR A 125 23.98 18.05 -45.63
CA THR A 125 24.96 18.87 -44.93
C THR A 125 26.10 18.01 -44.42
N ASP A 126 27.16 18.68 -43.98
CA ASP A 126 28.31 18.05 -43.34
C ASP A 126 28.27 18.52 -41.89
N THR A 127 27.51 17.80 -41.07
CA THR A 127 27.18 18.27 -39.72
C THR A 127 28.21 17.74 -38.73
N PRO A 128 28.86 18.61 -37.95
CA PRO A 128 29.73 18.13 -36.88
C PRO A 128 28.96 17.57 -35.69
N ALA A 129 29.68 17.21 -34.64
CA ALA A 129 29.06 16.54 -33.50
C ALA A 129 28.25 17.53 -32.67
N LEU A 130 27.03 17.13 -32.32
CA LEU A 130 26.18 17.97 -31.49
C LEU A 130 26.66 17.96 -30.04
N THR A 131 26.23 18.97 -29.30
CA THR A 131 26.61 19.16 -27.91
C THR A 131 25.37 19.56 -27.12
N HIS A 132 25.24 19.05 -25.91
CA HIS A 132 24.04 19.26 -25.11
C HIS A 132 24.40 19.77 -23.73
N GLN A 133 23.59 20.70 -23.22
CA GLN A 133 23.78 21.27 -21.88
C GLN A 133 22.50 21.08 -21.08
N ILE A 134 22.65 20.54 -19.87
CA ILE A 134 21.53 20.22 -19.00
C ILE A 134 21.77 20.94 -17.68
N MET A 135 21.16 22.09 -17.51
CA MET A 135 21.43 22.93 -16.35
C MET A 135 20.33 22.73 -15.32
N TYR A 136 20.67 22.07 -14.21
CA TYR A 136 19.80 22.03 -13.05
C TYR A 136 19.61 23.43 -12.50
N VAL A 137 18.39 23.72 -12.03
CA VAL A 137 18.06 25.00 -11.44
C VAL A 137 17.31 24.79 -10.13
N PRO A 138 17.84 25.24 -8.99
CA PRO A 138 17.14 25.11 -7.71
C PRO A 138 15.90 25.99 -7.67
N PRO A 139 14.96 25.75 -6.72
CA PRO A 139 13.72 26.54 -6.70
C PRO A 139 13.92 28.01 -6.39
N GLY A 140 13.60 28.85 -7.37
CA GLY A 140 13.79 30.28 -7.28
C GLY A 140 14.94 30.80 -8.11
N GLY A 141 15.58 29.94 -8.89
CA GLY A 141 16.73 30.34 -9.68
C GLY A 141 16.35 31.20 -10.87
N PRO A 142 17.36 31.65 -11.62
CA PRO A 142 17.09 32.51 -12.78
C PRO A 142 16.41 31.74 -13.90
N ILE A 143 15.64 32.47 -14.69
CA ILE A 143 14.83 31.87 -15.76
C ILE A 143 15.58 32.06 -17.08
N PRO A 144 16.06 31.00 -17.72
CA PRO A 144 16.58 31.14 -19.08
C PRO A 144 15.46 31.50 -20.04
N GLN A 145 15.78 32.42 -20.94
CA GLN A 145 14.79 33.03 -21.81
C GLN A 145 15.14 32.91 -23.29
N ALA A 146 16.31 32.41 -23.62
CA ALA A 146 16.71 32.18 -25.01
C ALA A 146 17.79 31.11 -25.03
N VAL A 147 18.21 30.74 -26.24
CA VAL A 147 19.37 29.88 -26.38
C VAL A 147 20.66 30.66 -26.30
N ASP A 148 20.60 32.00 -26.38
CA ASP A 148 21.75 32.86 -26.29
C ASP A 148 21.70 33.79 -25.09
N ASP A 149 20.74 33.59 -24.20
CA ASP A 149 20.64 34.40 -22.99
C ASP A 149 21.77 34.05 -22.03
N TYR A 150 22.25 35.05 -21.30
CA TYR A 150 23.42 34.91 -20.44
C TYR A 150 23.09 34.30 -19.08
N ASN A 151 21.95 33.64 -18.92
CA ASN A 151 21.69 32.90 -17.69
C ASN A 151 22.17 31.46 -17.76
N TRP A 152 22.62 30.99 -18.93
CA TRP A 152 23.12 29.63 -19.10
C TRP A 152 24.58 29.47 -18.66
N GLN A 153 25.13 30.40 -17.89
CA GLN A 153 26.57 30.44 -17.68
C GLN A 153 27.05 29.47 -16.61
N THR A 154 26.16 29.07 -15.69
CA THR A 154 26.44 28.13 -14.58
C THR A 154 27.61 28.60 -13.73
N SER A 155 27.42 29.75 -13.07
CA SER A 155 28.41 30.19 -12.10
C SER A 155 28.36 29.33 -10.84
N THR A 156 27.21 28.73 -10.54
CA THR A 156 27.06 27.83 -9.40
C THR A 156 26.29 26.55 -9.73
N ASN A 157 25.39 26.57 -10.70
CA ASN A 157 24.40 25.52 -10.87
C ASN A 157 25.00 24.25 -11.48
N PRO A 158 24.45 23.08 -11.15
CA PRO A 158 24.96 21.84 -11.76
C PRO A 158 24.60 21.73 -13.22
N SER A 159 25.58 21.33 -14.03
CA SER A 159 25.41 21.22 -15.47
C SER A 159 26.20 20.03 -15.96
N VAL A 160 25.94 19.63 -17.20
CA VAL A 160 26.65 18.51 -17.81
C VAL A 160 26.71 18.71 -19.33
N PHE A 161 27.89 18.50 -19.90
CA PHE A 161 28.13 18.62 -21.33
C PHE A 161 28.33 17.24 -21.93
N TRP A 162 27.56 16.91 -22.96
CA TRP A 162 27.65 15.61 -23.61
C TRP A 162 27.88 15.82 -25.10
N THR A 163 28.64 14.92 -25.70
CA THR A 163 28.87 14.92 -27.14
C THR A 163 28.40 13.58 -27.70
N GLU A 164 27.62 13.65 -28.79
CA GLU A 164 26.99 12.46 -29.34
C GLU A 164 28.02 11.50 -29.90
N GLY A 165 27.95 10.24 -29.46
CA GLY A 165 28.93 9.24 -29.79
C GLY A 165 29.63 8.62 -28.59
N ASN A 166 29.15 8.85 -27.38
CA ASN A 166 29.75 8.33 -26.17
C ASN A 166 28.72 7.58 -25.35
N ALA A 167 29.14 7.10 -24.19
CA ALA A 167 28.22 6.55 -23.21
C ALA A 167 27.33 7.67 -22.67
N PRO A 168 26.09 7.36 -22.27
CA PRO A 168 25.20 8.40 -21.80
C PRO A 168 25.68 8.97 -20.47
N PRO A 169 25.34 10.23 -20.17
CA PRO A 169 25.79 10.83 -18.91
C PRO A 169 25.10 10.20 -17.72
N ARG A 170 25.74 10.34 -16.56
CA ARG A 170 25.15 9.84 -15.34
C ARG A 170 25.65 10.69 -14.18
N MET A 171 24.72 11.13 -13.35
CA MET A 171 25.10 11.82 -12.13
C MET A 171 24.18 11.37 -11.02
N SER A 172 24.64 11.50 -9.78
CA SER A 172 23.85 11.16 -8.62
C SER A 172 23.29 12.40 -7.98
N ILE A 173 22.18 12.24 -7.27
CA ILE A 173 21.55 13.31 -6.52
C ILE A 173 21.26 12.82 -5.11
N PRO A 174 21.75 13.50 -4.07
CA PRO A 174 21.46 13.08 -2.70
C PRO A 174 20.04 13.38 -2.26
N PHE A 175 19.75 13.13 -0.99
CA PHE A 175 18.39 13.28 -0.46
C PHE A 175 18.10 14.76 -0.23
N MET A 176 17.17 15.32 -1.00
CA MET A 176 16.95 16.76 -1.04
C MET A 176 15.65 17.21 -0.40
N SER A 177 14.93 16.34 0.30
CA SER A 177 13.69 16.75 0.92
C SER A 177 13.99 17.57 2.17
N VAL A 178 13.18 18.61 2.39
CA VAL A 178 13.41 19.48 3.53
C VAL A 178 12.84 18.85 4.80
N GLY A 179 11.94 17.88 4.68
CA GLY A 179 11.41 17.19 5.83
C GLY A 179 12.32 16.04 6.22
N ASN A 180 11.78 14.83 6.26
CA ASN A 180 12.59 13.64 6.47
C ASN A 180 12.37 12.57 5.43
N ALA A 181 11.33 12.68 4.60
CA ALA A 181 11.03 11.66 3.61
C ALA A 181 10.23 12.30 2.49
N TYR A 182 10.46 11.84 1.25
CA TYR A 182 9.69 12.32 0.11
C TYR A 182 8.25 11.86 0.26
N SER A 183 7.34 12.82 0.46
CA SER A 183 5.95 12.48 0.70
C SER A 183 5.28 12.18 -0.62
N ASN A 184 5.01 10.90 -0.88
CA ASN A 184 4.20 10.52 -2.02
C ASN A 184 2.73 10.81 -1.80
N PHE A 185 2.34 11.15 -0.57
CA PHE A 185 0.96 11.46 -0.22
C PHE A 185 0.97 12.52 0.86
N TYR A 186 0.22 13.60 0.64
CA TYR A 186 0.04 14.64 1.65
C TYR A 186 -1.42 15.05 1.63
N ASP A 187 -2.14 14.78 2.71
CA ASP A 187 -3.56 15.10 2.81
C ASP A 187 -3.67 16.43 3.52
N GLY A 188 -3.72 17.51 2.75
CA GLY A 188 -3.82 18.83 3.34
C GLY A 188 -3.82 19.91 2.29
N TRP A 189 -3.94 21.13 2.78
CA TRP A 189 -4.03 22.32 1.94
C TRP A 189 -2.68 23.05 1.91
N SER A 190 -2.68 24.26 1.35
CA SER A 190 -1.53 25.15 1.38
C SER A 190 -1.74 26.34 2.28
N HIS A 191 -2.91 26.95 2.21
CA HIS A 191 -3.25 28.04 3.10
C HIS A 191 -3.72 27.47 4.43
N PHE A 192 -3.48 28.21 5.51
CA PHE A 192 -3.89 27.72 6.82
C PHE A 192 -5.37 27.93 7.08
N SER A 193 -6.10 28.57 6.16
CA SER A 193 -7.54 28.62 6.20
C SER A 193 -8.17 27.43 5.47
N GLN A 194 -7.39 26.37 5.26
CA GLN A 194 -7.83 25.12 4.59
C GLN A 194 -8.33 25.38 3.18
N THR A 195 -7.69 26.31 2.49
CA THR A 195 -8.04 26.70 1.13
C THR A 195 -6.81 26.55 0.23
N GLY A 196 -6.92 27.06 -0.99
CA GLY A 196 -5.80 26.99 -1.91
C GLY A 196 -5.88 25.71 -2.71
N VAL A 197 -4.73 25.10 -2.93
CA VAL A 197 -4.64 23.88 -3.70
C VAL A 197 -4.63 22.69 -2.76
N TYR A 198 -5.08 21.55 -3.26
CA TYR A 198 -5.14 20.30 -2.50
C TYR A 198 -4.18 19.31 -3.12
N GLY A 199 -3.19 18.90 -2.34
CA GLY A 199 -2.15 18.02 -2.85
C GLY A 199 -1.37 17.33 -1.72
N PHE A 200 -0.14 16.87 -1.97
CA PHE A 200 0.19 16.21 -3.24
C PHE A 200 0.84 17.09 -4.33
N ASN A 201 0.81 18.39 -4.11
CA ASN A 201 1.39 19.40 -4.99
C ASN A 201 2.00 20.53 -4.20
N THR A 202 1.58 20.71 -2.95
CA THR A 202 2.15 21.70 -2.05
C THR A 202 3.56 21.33 -1.64
N LEU A 203 3.88 20.04 -1.66
CA LEU A 203 5.17 19.54 -1.21
C LEU A 203 6.02 18.98 -2.34
N ASN A 204 5.86 19.47 -3.56
CA ASN A 204 6.72 18.97 -4.62
C ASN A 204 8.07 19.64 -4.48
N ASN A 205 8.12 20.96 -4.77
CA ASN A 205 9.24 21.89 -4.59
C ASN A 205 10.61 21.31 -4.94
N MET A 206 10.76 20.76 -6.14
CA MET A 206 11.97 20.05 -6.51
C MET A 206 12.90 20.85 -7.41
N GLY A 207 12.44 21.96 -7.96
CA GLY A 207 13.21 22.65 -8.97
C GLY A 207 12.86 22.14 -10.35
N LYS A 208 13.63 22.59 -11.33
CA LYS A 208 13.30 22.25 -12.71
C LYS A 208 14.57 22.13 -13.52
N LEU A 209 14.48 21.39 -14.62
CA LEU A 209 15.60 21.20 -15.52
C LEU A 209 15.47 22.08 -16.76
N TYR A 210 16.56 22.20 -17.49
CA TYR A 210 16.62 22.95 -18.73
C TYR A 210 17.52 22.24 -19.72
N PHE A 211 17.15 22.33 -21.00
CA PHE A 211 17.89 21.69 -22.08
C PHE A 211 18.10 22.70 -23.18
N ARG A 212 19.28 22.69 -23.81
CA ARG A 212 19.53 23.50 -24.99
C ARG A 212 20.66 22.87 -25.79
N HIS A 213 20.80 23.32 -27.04
CA HIS A 213 21.92 22.96 -27.88
C HIS A 213 23.02 24.01 -27.73
N VAL A 214 24.24 23.58 -27.42
CA VAL A 214 25.35 24.50 -27.27
C VAL A 214 25.79 25.05 -28.63
N ASN A 215 25.57 24.29 -29.69
CA ASN A 215 25.93 24.73 -31.03
C ASN A 215 25.06 25.88 -31.50
N ASP A 216 25.57 26.61 -32.47
CA ASP A 216 24.92 27.83 -32.95
C ASP A 216 23.78 27.52 -33.91
N LYS A 217 23.31 28.54 -34.62
CA LYS A 217 22.24 28.38 -35.61
C LYS A 217 22.77 27.54 -36.77
N THR A 218 22.37 26.28 -36.81
CA THR A 218 22.75 25.41 -37.89
C THR A 218 21.95 25.75 -39.14
N ILE A 219 22.41 25.22 -40.28
CA ILE A 219 21.72 25.43 -41.54
C ILE A 219 20.68 24.34 -41.82
N SER A 220 20.43 23.46 -40.84
CA SER A 220 19.42 22.42 -40.94
C SER A 220 18.94 22.08 -39.54
N PRO A 221 17.63 22.12 -39.29
CA PRO A 221 17.12 21.81 -37.94
C PRO A 221 17.17 20.32 -37.67
N ILE A 222 17.52 19.98 -36.43
CA ILE A 222 17.67 18.60 -35.99
C ILE A 222 16.82 18.43 -34.74
N THR A 223 15.81 17.57 -34.83
CA THR A 223 14.93 17.32 -33.69
C THR A 223 15.64 16.46 -32.66
N SER A 224 15.84 17.01 -31.46
CA SER A 224 16.52 16.30 -30.39
C SER A 224 15.51 15.81 -29.36
N LYS A 225 15.70 14.57 -28.90
CA LYS A 225 14.83 13.94 -27.93
C LYS A 225 15.68 13.31 -26.84
N VAL A 226 15.51 13.78 -25.60
CA VAL A 226 16.29 13.31 -24.46
C VAL A 226 15.34 12.63 -23.46
N ARG A 227 15.75 11.47 -22.97
CA ARG A 227 14.97 10.66 -22.04
C ARG A 227 15.65 10.63 -20.69
N ILE A 228 14.90 10.87 -19.62
CA ILE A 228 15.44 10.94 -18.27
C ILE A 228 15.10 9.66 -17.54
N TYR A 229 16.13 8.97 -17.03
CA TYR A 229 15.94 7.71 -16.31
C TYR A 229 16.37 7.88 -14.86
N PHE A 230 15.39 8.01 -13.97
CA PHE A 230 15.67 7.99 -12.54
C PHE A 230 16.00 6.57 -12.11
N LYS A 231 16.89 6.47 -11.11
CA LYS A 231 17.32 5.18 -10.59
C LYS A 231 17.60 5.35 -9.11
N PRO A 232 16.61 5.10 -8.26
CA PRO A 232 16.81 5.27 -6.82
C PRO A 232 17.66 4.16 -6.22
N LYS A 233 18.25 4.47 -5.08
CA LYS A 233 19.12 3.54 -4.38
C LYS A 233 19.20 4.00 -2.93
N HIS A 234 19.73 3.11 -2.07
CA HIS A 234 19.85 3.33 -0.62
C HIS A 234 18.48 3.63 -0.01
N VAL A 235 17.52 2.78 -0.32
CA VAL A 235 16.11 3.09 -0.14
C VAL A 235 15.62 2.57 1.20
N LYS A 236 14.97 3.44 1.96
CA LYS A 236 14.19 3.05 3.13
C LYS A 236 12.77 3.55 2.97
N ALA A 237 11.80 2.69 3.25
CA ALA A 237 10.40 3.03 3.02
C ALA A 237 9.59 2.66 4.25
N TRP A 238 8.55 3.43 4.52
CA TRP A 238 7.74 3.25 5.71
C TRP A 238 6.27 3.20 5.34
N VAL A 239 5.47 2.62 6.25
CA VAL A 239 4.01 2.61 6.36
C VAL A 239 3.31 2.40 5.01
N PRO A 240 3.29 1.16 4.51
CA PRO A 240 2.84 0.90 3.14
C PRO A 240 1.35 1.07 2.93
N ARG A 241 0.89 0.81 1.70
CA ARG A 241 -0.51 0.96 1.34
C ARG A 241 -0.78 0.12 0.09
N PRO A 242 -2.03 -0.29 -0.15
CA PRO A 242 -2.32 -1.11 -1.33
C PRO A 242 -2.13 -0.33 -2.61
N PRO A 243 -1.87 -1.00 -3.72
CA PRO A 243 -1.61 -0.29 -4.98
C PRO A 243 -2.90 0.29 -5.56
N ARG A 244 -2.73 1.05 -6.64
CA ARG A 244 -3.84 1.79 -7.22
C ARG A 244 -4.59 0.92 -8.23
N LEU A 245 -5.91 0.89 -8.09
CA LEU A 245 -6.77 0.11 -8.98
C LEU A 245 -7.16 0.90 -10.22
N CYS A 246 -7.77 2.06 -10.03
CA CYS A 246 -8.24 2.87 -11.14
C CYS A 246 -7.07 3.51 -11.87
N GLU A 247 -7.29 3.84 -13.14
CA GLU A 247 -6.25 4.49 -13.93
C GLU A 247 -6.05 5.93 -13.47
N TYR A 248 -4.91 6.48 -13.85
CA TYR A 248 -4.55 7.83 -13.46
C TYR A 248 -5.22 8.84 -14.41
N THR A 249 -5.31 10.07 -13.94
CA THR A 249 -5.84 11.16 -14.75
C THR A 249 -4.85 12.28 -14.97
N HIS A 250 -4.26 12.84 -13.92
CA HIS A 250 -3.37 13.99 -14.05
C HIS A 250 -2.15 13.76 -13.16
N LYS A 251 -1.32 14.79 -13.06
CA LYS A 251 -0.11 14.72 -12.26
C LYS A 251 -0.20 15.48 -10.94
N ASP A 252 -1.13 16.44 -10.82
CA ASP A 252 -1.18 17.33 -9.67
C ASP A 252 -2.31 16.98 -8.70
N ASN A 253 -2.93 15.82 -8.85
CA ASN A 253 -3.99 15.37 -7.95
C ASN A 253 -3.97 13.85 -7.93
N VAL A 254 -5.06 13.28 -7.43
CA VAL A 254 -5.25 11.84 -7.34
C VAL A 254 -6.58 11.41 -7.97
N ASP A 255 -7.22 12.32 -8.70
CA ASP A 255 -8.57 12.17 -9.20
C ASP A 255 -8.67 11.07 -10.26
N PHE A 256 -9.87 10.50 -10.39
CA PHE A 256 -10.06 9.31 -11.23
C PHE A 256 -11.53 9.17 -11.57
N GLU A 257 -11.84 8.11 -12.32
CA GLU A 257 -13.16 7.57 -12.58
C GLU A 257 -13.26 6.18 -11.95
N PRO A 258 -14.44 5.79 -11.48
CA PRO A 258 -14.57 4.47 -10.84
C PRO A 258 -14.42 3.33 -11.83
N LYS A 259 -13.66 2.33 -11.43
CA LYS A 259 -13.40 1.12 -12.20
C LYS A 259 -13.96 -0.06 -11.44
N GLY A 260 -14.49 -1.04 -12.18
CA GLY A 260 -14.89 -2.30 -11.57
C GLY A 260 -13.70 -2.99 -10.89
N VAL A 261 -14.00 -3.68 -9.80
CA VAL A 261 -12.95 -4.14 -8.91
C VAL A 261 -12.12 -5.26 -9.56
N THR A 262 -12.67 -5.99 -10.52
CA THR A 262 -11.96 -7.01 -11.29
C THR A 262 -12.76 -7.29 -12.56
N THR A 263 -12.40 -8.37 -13.25
CA THR A 263 -13.14 -8.85 -14.41
C THR A 263 -14.02 -10.01 -14.00
N SER A 264 -15.26 -10.04 -14.50
CA SER A 264 -16.26 -10.99 -14.07
C SER A 264 -15.92 -12.41 -14.56
N ARG A 265 -16.61 -13.38 -13.96
CA ARG A 265 -16.44 -14.79 -14.31
C ARG A 265 -17.54 -15.31 -15.22
N THR A 266 -18.77 -14.81 -15.05
CA THR A 266 -20.07 -15.25 -15.57
C THR A 266 -20.52 -16.59 -14.99
N GLN A 267 -19.73 -17.20 -14.10
CA GLN A 267 -20.17 -18.32 -13.28
C GLN A 267 -19.68 -18.04 -11.86
N LEU A 268 -20.00 -18.94 -10.93
CA LEU A 268 -19.53 -18.72 -9.57
C LEU A 268 -18.92 -20.00 -9.03
N THR A 269 -19.36 -21.15 -9.55
CA THR A 269 -18.86 -22.44 -9.11
C THR A 269 -18.12 -23.11 -10.25
N ILE A 270 -16.89 -23.52 -9.99
CA ILE A 270 -16.12 -24.22 -11.01
C ILE A 270 -16.62 -25.64 -11.18
N SER A 271 -16.38 -26.19 -12.37
CA SER A 271 -16.66 -27.58 -12.71
C SER A 271 -15.67 -27.97 -13.80
N ASN A 272 -15.93 -29.08 -14.49
CA ASN A 272 -15.06 -29.53 -15.56
C ASN A 272 -15.23 -28.69 -16.83
N SER A 273 -16.23 -27.83 -16.88
CA SER A 273 -16.35 -26.87 -17.96
C SER A 273 -15.48 -25.67 -17.67
N SER B 1 -11.45 -14.63 31.46
CA SER B 1 -10.96 -14.51 30.09
C SER B 1 -10.56 -13.08 29.78
N ASP B 2 -10.24 -12.81 28.52
CA ASP B 2 -9.80 -11.50 28.07
C ASP B 2 -10.83 -10.82 27.16
N ARG B 3 -12.11 -10.99 27.47
CA ARG B 3 -13.16 -10.26 26.77
C ARG B 3 -13.53 -8.96 27.49
N VAL B 4 -13.25 -8.85 28.77
CA VAL B 4 -13.60 -7.69 29.56
C VAL B 4 -12.37 -6.79 29.60
N ARG B 5 -12.49 -5.60 29.04
CA ARG B 5 -11.36 -4.69 28.94
C ARG B 5 -11.77 -3.33 29.50
N SER B 6 -10.87 -2.70 30.23
CA SER B 6 -11.10 -1.37 30.76
C SER B 6 -9.98 -0.44 30.30
N ILE B 7 -10.33 0.80 30.00
CA ILE B 7 -9.37 1.82 29.60
C ILE B 7 -9.66 3.08 30.40
N THR B 8 -8.69 3.55 31.16
CA THR B 8 -8.80 4.78 31.94
C THR B 8 -7.86 5.82 31.36
N LEU B 9 -8.41 6.95 30.94
CA LEU B 9 -7.61 8.06 30.41
C LEU B 9 -8.14 9.36 31.00
N GLY B 10 -7.48 9.85 32.03
CA GLY B 10 -7.86 11.11 32.63
C GLY B 10 -9.08 10.98 33.53
N ASN B 11 -10.22 11.46 33.04
CA ASN B 11 -11.48 11.41 33.78
C ASN B 11 -12.60 10.86 32.90
N SER B 12 -12.31 9.80 32.16
CA SER B 12 -13.29 9.17 31.27
C SER B 12 -12.86 7.74 31.03
N THR B 13 -13.74 6.79 31.32
CA THR B 13 -13.40 5.37 31.36
C THR B 13 -14.39 4.58 30.51
N ILE B 14 -13.86 3.77 29.59
CA ILE B 14 -14.67 2.91 28.74
C ILE B 14 -14.52 1.48 29.23
N THR B 15 -15.65 0.87 29.60
CA THR B 15 -15.70 -0.53 30.04
C THR B 15 -16.56 -1.29 29.06
N THR B 16 -15.98 -2.29 28.40
CA THR B 16 -16.68 -3.13 27.44
C THR B 16 -16.60 -4.59 27.86
N GLN B 17 -17.66 -5.33 27.62
CA GLN B 17 -17.71 -6.73 28.03
C GLN B 17 -17.58 -7.72 26.88
N GLU B 18 -17.58 -7.28 25.63
CA GLU B 18 -17.37 -8.16 24.49
C GLU B 18 -16.39 -7.55 23.51
N SER B 19 -15.25 -7.08 24.01
CA SER B 19 -14.23 -6.54 23.13
C SER B 19 -13.53 -7.67 22.37
N ALA B 20 -12.62 -7.29 21.49
CA ALA B 20 -11.84 -8.27 20.74
C ALA B 20 -10.38 -8.26 21.16
N ASN B 21 -9.71 -7.13 20.99
CA ASN B 21 -8.30 -6.96 21.33
C ASN B 21 -8.00 -5.48 21.20
N VAL B 22 -6.74 -5.12 21.39
CA VAL B 22 -6.26 -3.77 21.16
C VAL B 22 -5.15 -3.88 20.14
N VAL B 23 -5.36 -3.30 18.96
CA VAL B 23 -4.37 -3.28 17.90
C VAL B 23 -3.48 -2.07 18.10
N VAL B 24 -2.23 -2.30 18.51
CA VAL B 24 -1.33 -1.20 18.78
C VAL B 24 -0.59 -0.88 17.48
N GLY B 25 -1.24 -0.10 16.61
CA GLY B 25 -0.68 0.48 15.39
C GLY B 25 0.17 -0.40 14.50
N TYR B 26 1.46 -0.05 14.43
CA TYR B 26 2.46 -0.93 13.85
C TYR B 26 3.43 -1.33 14.95
N GLY B 27 2.90 -1.68 16.11
CA GLY B 27 3.70 -2.15 17.21
C GLY B 27 4.21 -1.08 18.13
N VAL B 28 4.23 0.18 17.70
CA VAL B 28 4.85 1.25 18.45
C VAL B 28 3.79 1.97 19.28
N TRP B 29 4.00 2.00 20.58
CA TRP B 29 3.19 2.70 21.56
C TRP B 29 3.47 4.21 21.46
N PRO B 30 2.48 5.05 21.75
CA PRO B 30 2.70 6.51 21.70
C PRO B 30 3.70 6.99 22.72
N ASP B 31 4.44 8.04 22.35
CA ASP B 31 5.54 8.54 23.16
C ASP B 31 5.72 10.02 22.85
N TYR B 32 6.25 10.75 23.82
CA TYR B 32 6.64 12.13 23.60
C TYR B 32 7.87 12.19 22.71
N LEU B 33 8.14 13.38 22.19
CA LEU B 33 9.25 13.55 21.26
C LEU B 33 10.55 13.54 22.04
N SER B 34 11.35 12.49 21.85
CA SER B 34 12.68 12.47 22.43
C SER B 34 13.58 13.43 21.66
N ASP B 35 14.55 14.00 22.37
CA ASP B 35 15.32 15.12 21.83
C ASP B 35 16.42 14.71 20.86
N GLU B 36 16.40 13.47 20.37
CA GLU B 36 17.20 13.14 19.21
C GLU B 36 16.50 13.55 17.92
N GLU B 37 15.19 13.77 17.98
CA GLU B 37 14.41 14.22 16.85
C GLU B 37 13.91 15.64 17.01
N ALA B 38 14.55 16.42 17.89
CA ALA B 38 14.04 17.75 18.21
C ALA B 38 14.38 18.74 17.10
N THR B 39 13.36 19.52 16.70
CA THR B 39 13.51 20.53 15.67
C THR B 39 13.35 21.94 16.22
N ALA B 40 12.23 22.23 16.86
CA ALA B 40 12.01 23.55 17.43
C ALA B 40 12.56 23.60 18.86
N GLU B 41 12.67 24.81 19.39
CA GLU B 41 13.49 25.04 20.57
C GLU B 41 12.76 25.57 21.80
N ASP B 42 11.55 26.11 21.65
CA ASP B 42 10.83 26.62 22.81
C ASP B 42 10.07 25.51 23.52
N GLN B 43 9.78 25.75 24.79
CA GLN B 43 9.24 24.71 25.66
C GLN B 43 7.79 24.42 25.32
N PRO B 44 7.42 23.17 25.08
CA PRO B 44 6.03 22.84 24.76
C PRO B 44 5.20 22.57 26.00
N THR B 45 3.88 22.69 25.83
CA THR B 45 2.91 22.50 26.90
C THR B 45 2.29 21.11 26.77
N GLN B 46 2.41 20.31 27.82
CA GLN B 46 1.89 18.95 27.85
C GLN B 46 0.82 18.89 28.93
N PRO B 47 -0.46 19.05 28.57
CA PRO B 47 -1.51 19.13 29.58
C PRO B 47 -1.77 17.84 30.34
N ASP B 48 -1.94 16.74 29.59
CA ASP B 48 -1.88 15.34 30.04
C ASP B 48 -3.10 14.91 30.86
N VAL B 49 -3.94 15.84 31.30
CA VAL B 49 -5.15 15.45 32.02
C VAL B 49 -6.38 16.05 31.34
N ALA B 50 -6.29 17.32 30.94
CA ALA B 50 -7.38 18.01 30.26
C ALA B 50 -7.35 17.78 28.76
N THR B 51 -6.41 17.00 28.27
CA THR B 51 -6.29 16.70 26.85
C THR B 51 -6.38 15.22 26.57
N CYS B 52 -5.63 14.41 27.30
CA CYS B 52 -5.63 12.96 27.11
C CYS B 52 -6.86 12.37 27.79
N ARG B 53 -8.00 12.53 27.14
CA ARG B 53 -9.25 12.00 27.67
C ARG B 53 -10.18 11.70 26.49
N PHE B 54 -11.19 10.88 26.75
CA PHE B 54 -12.09 10.43 25.69
C PHE B 54 -13.09 11.52 25.32
N TYR B 55 -13.12 11.86 24.04
CA TYR B 55 -14.08 12.80 23.49
C TYR B 55 -15.03 12.06 22.56
N THR B 56 -16.34 12.24 22.78
CA THR B 56 -17.36 11.53 22.02
C THR B 56 -17.79 12.38 20.83
N LEU B 57 -17.78 11.79 19.64
CA LEU B 57 -18.22 12.48 18.45
C LEU B 57 -19.69 12.16 18.19
N ASP B 58 -20.21 12.57 17.04
CA ASP B 58 -21.62 12.33 16.72
C ASP B 58 -21.88 10.87 16.40
N SER B 59 -23.12 10.45 16.62
CA SER B 59 -23.55 9.08 16.38
C SER B 59 -24.36 9.00 15.10
N VAL B 60 -24.08 7.99 14.29
CA VAL B 60 -24.76 7.79 13.02
C VAL B 60 -25.47 6.44 13.05
N SER B 61 -26.54 6.35 12.27
CA SER B 61 -27.36 5.16 12.21
C SER B 61 -26.90 4.26 11.08
N TRP B 62 -27.16 2.97 11.22
CA TRP B 62 -26.81 2.00 10.20
C TRP B 62 -28.05 1.19 9.82
N MET B 63 -28.68 1.58 8.71
CA MET B 63 -29.83 0.88 8.17
C MET B 63 -29.36 -0.34 7.39
N LYS B 64 -30.27 -0.94 6.62
CA LYS B 64 -29.90 -2.08 5.79
C LYS B 64 -29.04 -1.68 4.60
N GLU B 65 -29.08 -0.41 4.19
CA GLU B 65 -28.54 -0.01 2.90
C GLU B 65 -27.45 1.04 3.00
N SER B 66 -26.93 1.31 4.20
CA SER B 66 -25.89 2.33 4.34
C SER B 66 -24.57 1.83 3.77
N GLN B 67 -23.76 2.78 3.29
CA GLN B 67 -22.58 2.44 2.50
C GLN B 67 -21.26 2.71 3.19
N GLY B 68 -21.16 3.73 4.04
CA GLY B 68 -19.91 3.97 4.72
C GLY B 68 -19.86 5.34 5.37
N TRP B 69 -18.76 5.57 6.08
CA TRP B 69 -18.49 6.82 6.76
C TRP B 69 -17.00 7.07 6.72
N TRP B 70 -16.60 8.35 6.76
CA TRP B 70 -15.20 8.66 6.98
C TRP B 70 -15.07 9.92 7.82
N TRP B 71 -14.10 9.91 8.74
CA TRP B 71 -13.78 11.07 9.56
C TRP B 71 -12.30 11.40 9.39
N LYS B 72 -12.00 12.65 9.07
CA LYS B 72 -10.65 13.15 9.19
C LYS B 72 -10.33 13.36 10.67
N PHE B 73 -9.14 12.92 11.10
CA PHE B 73 -8.88 13.03 12.54
C PHE B 73 -7.65 13.80 13.00
N PRO B 74 -7.37 14.96 12.48
CA PRO B 74 -6.92 16.02 13.38
C PRO B 74 -7.92 17.16 13.36
N ASP B 75 -8.98 16.98 12.57
CA ASP B 75 -9.94 18.04 12.26
C ASP B 75 -11.30 17.83 12.91
N ALA B 76 -11.74 16.59 13.10
CA ALA B 76 -13.04 16.34 13.73
C ALA B 76 -13.07 16.70 15.19
N LEU B 77 -11.91 16.85 15.84
CA LEU B 77 -11.81 17.35 17.21
C LEU B 77 -11.40 18.80 17.23
N ARG B 78 -11.94 19.59 16.29
CA ARG B 78 -11.60 21.01 16.23
C ARG B 78 -12.16 21.77 17.41
N ASP B 79 -13.36 21.41 17.86
CA ASP B 79 -14.08 22.15 18.88
C ASP B 79 -14.57 21.20 19.97
N MET B 80 -13.67 20.37 20.47
CA MET B 80 -13.97 19.47 21.58
C MET B 80 -13.06 19.82 22.75
N GLY B 81 -13.46 20.82 23.53
CA GLY B 81 -12.80 21.16 24.77
C GLY B 81 -11.41 21.75 24.58
N LEU B 82 -10.58 21.55 25.60
CA LEU B 82 -9.26 22.14 25.63
C LEU B 82 -8.29 21.50 24.65
N PHE B 83 -8.62 20.32 24.11
CA PHE B 83 -7.91 19.86 22.92
C PHE B 83 -8.19 20.78 21.75
N GLY B 84 -9.42 21.27 21.65
CA GLY B 84 -9.75 22.21 20.59
C GLY B 84 -9.12 23.57 20.80
N GLN B 85 -9.12 24.05 22.05
CA GLN B 85 -8.49 25.33 22.35
C GLN B 85 -6.98 25.26 22.12
N ASN B 86 -6.32 24.25 22.68
CA ASN B 86 -4.89 24.11 22.48
C ASN B 86 -4.52 23.69 21.06
N MET B 87 -5.47 23.20 20.27
CA MET B 87 -5.26 23.18 18.83
C MET B 87 -5.25 24.58 18.26
N GLN B 88 -6.18 25.44 18.70
CA GLN B 88 -6.32 26.73 18.05
C GLN B 88 -5.16 27.66 18.38
N TYR B 89 -4.79 27.77 19.65
CA TYR B 89 -3.84 28.80 20.04
C TYR B 89 -2.39 28.48 19.66
N HIS B 90 -2.09 27.26 19.26
CA HIS B 90 -0.72 26.88 18.95
C HIS B 90 -0.50 26.82 17.45
N TYR B 91 0.69 26.39 17.07
CA TYR B 91 1.11 26.31 15.68
C TYR B 91 1.55 24.92 15.25
N LEU B 92 2.16 24.15 16.15
CA LEU B 92 2.58 22.79 15.88
C LEU B 92 2.02 21.89 16.95
N GLY B 93 1.48 20.75 16.56
CA GLY B 93 0.90 19.82 17.50
C GLY B 93 1.27 18.39 17.17
N ARG B 94 1.57 17.63 18.23
CA ARG B 94 1.93 16.23 18.10
C ARG B 94 1.14 15.45 19.12
N SER B 95 0.45 14.41 18.67
CA SER B 95 -0.37 13.60 19.57
C SER B 95 -0.61 12.24 18.94
N GLY B 96 -0.64 11.22 19.79
CA GLY B 96 -1.16 9.93 19.40
C GLY B 96 -2.68 9.93 19.50
N TYR B 97 -3.27 8.74 19.32
CA TYR B 97 -4.71 8.61 19.44
C TYR B 97 -5.06 7.26 20.03
N THR B 98 -6.35 7.07 20.33
CA THR B 98 -6.87 5.80 20.81
C THR B 98 -8.33 5.74 20.37
N ILE B 99 -8.59 5.04 19.28
CA ILE B 99 -9.94 4.97 18.73
C ILE B 99 -10.72 3.91 19.47
N HIS B 100 -11.96 4.22 19.83
CA HIS B 100 -12.91 3.24 20.30
C HIS B 100 -14.25 3.49 19.62
N VAL B 101 -14.85 2.43 19.08
CA VAL B 101 -16.10 2.54 18.31
C VAL B 101 -17.14 1.64 18.95
N GLN B 102 -18.15 2.22 19.59
CA GLN B 102 -19.25 1.45 20.13
C GLN B 102 -20.29 1.16 19.07
N CYS B 103 -20.73 -0.09 19.00
CA CYS B 103 -21.86 -0.51 18.16
C CYS B 103 -22.35 -1.85 18.67
N ASN B 104 -23.57 -1.91 19.17
CA ASN B 104 -24.08 -3.14 19.77
C ASN B 104 -25.30 -3.66 19.02
N ALA B 105 -25.49 -4.97 19.11
CA ALA B 105 -26.60 -5.65 18.46
C ALA B 105 -26.86 -6.96 19.17
N SER B 106 -28.09 -7.45 19.05
CA SER B 106 -28.49 -8.65 19.77
C SER B 106 -27.98 -9.88 19.03
N LYS B 107 -28.35 -11.06 19.52
CA LYS B 107 -27.89 -12.29 18.89
C LYS B 107 -28.70 -12.64 17.64
N PHE B 108 -29.91 -12.11 17.50
CA PHE B 108 -30.71 -12.36 16.30
C PHE B 108 -30.40 -11.38 15.17
N HIS B 109 -29.36 -10.57 15.31
CA HIS B 109 -28.90 -9.69 14.25
C HIS B 109 -27.60 -10.24 13.65
N GLN B 110 -27.33 -9.84 12.41
CA GLN B 110 -26.10 -10.22 11.75
C GLN B 110 -25.59 -9.05 10.93
N GLY B 111 -24.32 -9.13 10.58
CA GLY B 111 -23.66 -8.05 9.86
C GLY B 111 -22.23 -7.91 10.34
N CYS B 112 -21.44 -7.18 9.57
CA CYS B 112 -20.03 -7.00 9.89
C CYS B 112 -19.55 -5.66 9.36
N LEU B 113 -18.84 -4.93 10.19
CA LEU B 113 -18.24 -3.66 9.82
C LEU B 113 -16.76 -3.86 9.53
N LEU B 114 -16.05 -2.75 9.34
CA LEU B 114 -14.61 -2.78 9.09
C LEU B 114 -14.05 -1.43 9.49
N VAL B 115 -13.21 -1.40 10.52
CA VAL B 115 -12.73 -0.16 11.09
C VAL B 115 -11.26 0.03 10.74
N VAL B 116 -10.96 0.77 9.67
CA VAL B 116 -9.59 0.93 9.21
C VAL B 116 -9.18 2.38 9.39
N CYS B 117 -7.95 2.57 9.88
CA CYS B 117 -7.39 3.87 10.20
C CYS B 117 -6.27 4.16 9.19
N VAL B 118 -6.62 4.80 8.08
CA VAL B 118 -5.71 4.95 6.95
C VAL B 118 -4.95 6.26 7.11
N PRO B 119 -3.62 6.24 7.17
CA PRO B 119 -2.86 7.49 7.16
C PRO B 119 -2.79 8.09 5.77
N GLU B 120 -2.88 9.42 5.73
CA GLU B 120 -2.68 10.25 4.53
C GLU B 120 -3.66 9.88 3.42
N ALA B 121 -4.92 9.68 3.80
CA ALA B 121 -5.94 9.23 2.85
C ALA B 121 -6.37 10.41 2.01
N GLU B 122 -5.59 10.67 0.96
CA GLU B 122 -5.88 11.75 0.03
C GLU B 122 -6.92 11.29 -0.98
N MET B 123 -8.07 11.93 -0.99
CA MET B 123 -9.22 11.46 -1.73
C MET B 123 -9.35 12.18 -3.06
N GLY B 124 -9.84 11.45 -4.06
CA GLY B 124 -10.09 12.04 -5.36
C GLY B 124 -11.45 12.70 -5.43
N ALA B 125 -11.56 13.68 -6.33
CA ALA B 125 -12.79 14.45 -6.50
C ALA B 125 -13.76 13.69 -7.38
N ALA B 126 -15.03 14.15 -7.36
CA ALA B 126 -16.06 13.50 -8.17
C ALA B 126 -15.85 13.79 -9.65
N ASN B 127 -15.76 15.06 -10.02
CA ASN B 127 -15.30 15.41 -11.34
C ASN B 127 -13.77 15.34 -11.38
N ILE B 128 -13.22 15.36 -12.59
CA ILE B 128 -11.80 15.08 -12.76
C ILE B 128 -10.96 16.30 -12.38
N ASN B 129 -11.37 17.48 -12.82
CA ASN B 129 -10.56 18.69 -12.66
C ASN B 129 -11.31 19.75 -11.85
N GLU B 130 -11.88 19.36 -10.72
CA GLU B 130 -12.65 20.26 -9.88
C GLU B 130 -11.99 20.35 -8.52
N LYS B 131 -12.07 21.53 -7.91
CA LYS B 131 -11.50 21.77 -6.60
C LYS B 131 -12.50 21.39 -5.51
N ILE B 132 -12.06 20.54 -4.58
CA ILE B 132 -12.92 20.09 -3.50
C ILE B 132 -13.07 21.22 -2.49
N ASN B 133 -14.29 21.43 -2.01
CA ASN B 133 -14.46 22.35 -0.89
C ASN B 133 -14.04 21.68 0.41
N ARG B 134 -13.74 22.50 1.40
CA ARG B 134 -13.33 22.02 2.71
C ARG B 134 -14.47 21.36 3.47
N GLU B 135 -15.72 21.66 3.14
CA GLU B 135 -16.87 21.16 3.87
C GLU B 135 -17.41 19.85 3.31
N HIS B 136 -16.63 19.16 2.48
CA HIS B 136 -17.01 17.86 1.96
C HIS B 136 -16.00 16.77 2.29
N LEU B 137 -14.71 17.11 2.39
CA LEU B 137 -13.74 16.17 2.95
C LEU B 137 -14.01 15.92 4.43
N SER B 138 -14.34 16.98 5.15
CA SER B 138 -14.70 16.87 6.56
C SER B 138 -15.90 17.76 6.84
N ASN B 139 -16.57 17.46 7.95
CA ASN B 139 -17.61 18.33 8.48
C ASN B 139 -17.50 18.38 9.99
N GLY B 140 -16.29 18.14 10.52
CA GLY B 140 -16.08 18.05 11.94
C GLY B 140 -16.53 16.71 12.46
N GLU B 141 -17.26 16.71 13.57
CA GLU B 141 -17.83 15.48 14.10
C GLU B 141 -19.04 15.00 13.30
N VAL B 142 -19.57 15.81 12.40
CA VAL B 142 -20.63 15.35 11.49
C VAL B 142 -19.98 14.44 10.44
N ALA B 143 -20.46 13.19 10.38
CA ALA B 143 -19.84 12.19 9.53
C ALA B 143 -20.21 12.39 8.07
N ASN B 144 -19.23 12.20 7.19
CA ASN B 144 -19.53 12.07 5.78
C ASN B 144 -20.02 10.65 5.48
N THR B 145 -20.45 10.43 4.25
CA THR B 145 -21.07 9.16 3.90
C THR B 145 -20.71 8.78 2.48
N PHE B 146 -20.27 7.53 2.29
CA PHE B 146 -20.04 7.01 0.96
C PHE B 146 -21.35 6.79 0.23
N SER B 147 -21.28 6.78 -1.09
CA SER B 147 -22.38 6.39 -1.96
C SER B 147 -21.94 5.18 -2.78
N GLY B 148 -22.79 4.15 -2.81
CA GLY B 148 -22.40 2.89 -3.43
C GLY B 148 -22.30 2.94 -4.94
N THR B 149 -22.96 3.90 -5.57
CA THR B 149 -22.94 4.00 -7.02
C THR B 149 -21.80 4.91 -7.46
N LYS B 150 -21.80 5.27 -8.73
CA LYS B 150 -20.84 6.24 -9.27
C LYS B 150 -21.37 7.64 -8.98
N SER B 151 -20.82 8.27 -7.95
CA SER B 151 -21.27 9.60 -7.56
C SER B 151 -20.73 10.64 -8.53
N SER B 152 -21.58 11.59 -8.90
CA SER B 152 -21.27 12.59 -9.92
C SER B 152 -21.75 13.96 -9.51
N ASN B 153 -21.52 14.35 -8.26
CA ASN B 153 -21.94 15.65 -7.78
C ASN B 153 -20.84 16.69 -8.00
N THR B 154 -21.20 17.96 -7.90
CA THR B 154 -20.26 19.06 -8.09
C THR B 154 -19.62 19.44 -6.77
N ASN B 155 -18.30 19.71 -6.82
CA ASN B 155 -17.47 20.08 -5.68
C ASN B 155 -17.53 19.03 -4.56
N ASP B 156 -17.57 17.76 -4.95
CA ASP B 156 -17.87 16.68 -4.03
C ASP B 156 -16.78 15.62 -4.11
N VAL B 157 -16.63 14.88 -3.03
CA VAL B 157 -15.66 13.80 -2.98
C VAL B 157 -16.22 12.62 -3.77
N GLN B 158 -15.34 11.91 -4.48
CA GLN B 158 -15.76 10.75 -5.28
C GLN B 158 -16.22 9.65 -4.34
N GLN B 159 -17.53 9.48 -4.24
CA GLN B 159 -18.12 8.53 -3.31
C GLN B 159 -18.32 7.21 -4.04
N ALA B 160 -17.49 6.22 -3.71
CA ALA B 160 -17.63 4.88 -4.25
C ALA B 160 -17.04 3.90 -3.26
N VAL B 161 -17.84 2.91 -2.86
CA VAL B 161 -17.37 1.98 -1.84
C VAL B 161 -16.34 1.02 -2.39
N PHE B 162 -16.33 0.78 -3.69
CA PHE B 162 -15.36 -0.12 -4.30
C PHE B 162 -14.09 0.58 -4.76
N ASN B 163 -13.83 1.78 -4.25
CA ASN B 163 -12.58 2.47 -4.49
C ASN B 163 -11.98 3.10 -3.24
N ALA B 164 -12.77 3.24 -2.16
CA ALA B 164 -12.36 3.85 -0.88
C ALA B 164 -11.86 5.28 -1.05
N GLY B 165 -12.34 5.98 -2.08
CA GLY B 165 -12.01 7.37 -2.28
C GLY B 165 -10.67 7.64 -2.92
N MET B 166 -9.65 6.85 -2.56
CA MET B 166 -8.30 7.02 -3.08
C MET B 166 -8.10 6.29 -4.40
N GLY B 167 -9.06 5.48 -4.82
CA GLY B 167 -8.88 4.66 -6.00
C GLY B 167 -8.17 3.35 -5.76
N VAL B 168 -7.96 2.98 -4.51
CA VAL B 168 -7.38 1.69 -4.19
C VAL B 168 -8.45 0.62 -4.21
N ALA B 169 -8.04 -0.63 -4.29
CA ALA B 169 -8.98 -1.75 -4.20
C ALA B 169 -9.38 -1.93 -2.75
N VAL B 170 -10.68 -1.79 -2.47
CA VAL B 170 -11.17 -1.69 -1.09
C VAL B 170 -11.06 -3.02 -0.35
N GLY B 171 -10.95 -4.13 -1.07
CA GLY B 171 -10.63 -5.38 -0.40
C GLY B 171 -9.21 -5.43 0.12
N ASN B 172 -8.30 -4.70 -0.54
CA ASN B 172 -6.90 -4.64 -0.14
C ASN B 172 -6.64 -3.56 0.88
N LEU B 173 -7.67 -3.03 1.51
CA LEU B 173 -7.57 -1.89 2.39
C LEU B 173 -7.28 -2.31 3.84
N THR B 174 -6.87 -3.56 4.05
CA THR B 174 -6.64 -4.11 5.37
C THR B 174 -5.17 -4.17 5.75
N ILE B 175 -4.30 -3.44 5.05
CA ILE B 175 -2.90 -3.43 5.43
C ILE B 175 -2.67 -2.54 6.66
N PHE B 176 -3.62 -1.68 6.97
CA PHE B 176 -3.51 -0.68 8.02
C PHE B 176 -3.99 -1.28 9.34
N PRO B 177 -3.96 -0.57 10.48
CA PRO B 177 -4.65 -1.10 11.66
C PRO B 177 -6.15 -1.21 11.45
N HIS B 178 -6.63 -2.45 11.40
CA HIS B 178 -8.01 -2.74 11.08
C HIS B 178 -8.58 -3.70 12.11
N GLN B 179 -9.86 -3.55 12.41
CA GLN B 179 -10.57 -4.58 13.14
C GLN B 179 -11.93 -4.79 12.49
N TRP B 180 -12.47 -5.98 12.73
CA TRP B 180 -13.75 -6.40 12.18
C TRP B 180 -14.75 -6.45 13.32
N ILE B 181 -15.75 -5.59 13.27
CA ILE B 181 -16.88 -5.68 14.20
C ILE B 181 -17.88 -6.60 13.52
N ASN B 182 -17.67 -7.90 13.66
CA ASN B 182 -18.71 -8.86 13.32
C ASN B 182 -19.70 -8.87 14.47
N LEU B 183 -20.98 -8.68 14.15
CA LEU B 183 -21.98 -8.47 15.19
C LEU B 183 -22.33 -9.72 15.99
N ARG B 184 -21.77 -10.89 15.68
CA ARG B 184 -22.12 -12.07 16.44
C ARG B 184 -21.28 -12.27 17.69
N THR B 185 -20.12 -11.63 17.78
CA THR B 185 -19.23 -11.81 18.93
C THR B 185 -18.86 -10.50 19.62
N ASN B 186 -18.68 -9.41 18.88
CA ASN B 186 -17.99 -8.24 19.39
C ASN B 186 -18.94 -7.10 19.68
N ASN B 187 -18.60 -6.34 20.73
CA ASN B 187 -19.32 -5.13 21.11
C ASN B 187 -18.66 -3.86 20.60
N CYS B 188 -17.36 -3.87 20.36
CA CYS B 188 -16.67 -2.65 19.97
C CYS B 188 -15.39 -3.01 19.23
N ALA B 189 -14.57 -1.99 18.96
CA ALA B 189 -13.28 -2.18 18.31
C ALA B 189 -12.34 -1.08 18.79
N THR B 190 -11.11 -1.46 19.11
CA THR B 190 -10.13 -0.54 19.68
C THR B 190 -8.89 -0.50 18.81
N ILE B 191 -8.49 0.71 18.40
CA ILE B 191 -7.27 0.92 17.62
C ILE B 191 -6.45 1.99 18.33
N VAL B 192 -5.26 1.63 18.80
CA VAL B 192 -4.32 2.59 19.35
C VAL B 192 -3.36 2.95 18.22
N MET B 193 -3.57 4.13 17.63
CA MET B 193 -2.81 4.56 16.46
C MET B 193 -1.75 5.57 16.86
N PRO B 194 -0.48 5.27 16.74
CA PRO B 194 0.56 6.28 17.00
C PRO B 194 0.61 7.29 15.85
N TYR B 195 1.41 8.33 16.07
CA TYR B 195 1.45 9.46 15.15
C TYR B 195 2.51 9.19 14.09
N ILE B 196 2.06 8.86 12.88
CA ILE B 196 2.96 8.60 11.77
C ILE B 196 2.97 9.82 10.86
N ASN B 197 4.13 10.43 10.68
CA ASN B 197 4.25 11.61 9.86
C ASN B 197 5.71 11.75 9.44
N SER B 198 5.94 12.44 8.34
CA SER B 198 7.29 12.65 7.85
C SER B 198 7.98 13.81 8.52
N VAL B 199 7.27 14.65 9.24
CA VAL B 199 7.87 15.75 9.99
C VAL B 199 7.62 15.47 11.46
N PRO B 200 8.50 15.90 12.38
CA PRO B 200 8.33 15.51 13.79
C PRO B 200 7.14 16.18 14.47
N MET B 201 6.96 17.48 14.28
CA MET B 201 5.83 18.20 14.82
C MET B 201 5.18 19.00 13.69
N ASP B 202 3.89 18.75 13.45
CA ASP B 202 3.18 19.34 12.35
C ASP B 202 2.01 20.17 12.87
N ASN B 203 1.51 21.05 12.01
CA ASN B 203 0.32 21.82 12.32
C ASN B 203 -0.91 20.92 12.31
N MET B 204 -1.97 21.37 12.98
CA MET B 204 -3.16 20.54 13.14
C MET B 204 -4.40 21.12 12.46
N PHE B 205 -4.24 22.11 11.59
CA PHE B 205 -5.34 22.61 10.77
C PHE B 205 -5.06 22.48 9.28
N ARG B 206 -3.86 22.81 8.84
CA ARG B 206 -3.50 22.68 7.44
C ARG B 206 -3.43 21.22 7.01
N HIS B 207 -3.01 20.34 7.91
CA HIS B 207 -2.75 18.95 7.59
C HIS B 207 -3.87 18.06 8.13
N TYR B 208 -4.40 17.18 7.27
CA TYR B 208 -5.26 16.08 7.69
C TYR B 208 -4.37 14.85 7.82
N ASN B 209 -4.13 14.42 9.07
CA ASN B 209 -3.19 13.33 9.32
C ASN B 209 -3.70 12.01 8.79
N PHE B 210 -4.92 11.63 9.16
CA PHE B 210 -5.44 10.34 8.75
C PHE B 210 -6.96 10.38 8.67
N THR B 211 -7.54 9.25 8.27
CA THR B 211 -8.97 9.13 8.03
C THR B 211 -9.45 7.81 8.61
N LEU B 212 -10.41 7.87 9.51
CA LEU B 212 -11.03 6.65 10.01
C LEU B 212 -12.18 6.25 9.11
N MET B 213 -12.08 5.07 8.52
CA MET B 213 -13.09 4.60 7.58
C MET B 213 -13.83 3.40 8.15
N ILE B 214 -15.15 3.52 8.28
CA ILE B 214 -16.02 2.42 8.62
C ILE B 214 -16.83 2.10 7.37
N ILE B 215 -16.62 0.90 6.82
CA ILE B 215 -17.26 0.48 5.58
C ILE B 215 -17.93 -0.86 5.83
N PRO B 216 -19.26 -0.96 5.75
CA PRO B 216 -19.92 -2.25 6.00
C PRO B 216 -19.77 -3.20 4.82
N PHE B 217 -19.31 -4.42 5.11
CA PHE B 217 -19.25 -5.48 4.11
C PHE B 217 -20.46 -6.41 4.18
N ALA B 218 -20.82 -6.87 5.38
CA ALA B 218 -22.01 -7.68 5.58
C ALA B 218 -23.11 -6.76 6.08
N LYS B 219 -24.20 -6.66 5.31
CA LYS B 219 -25.22 -5.66 5.58
C LYS B 219 -26.05 -6.05 6.79
N LEU B 220 -26.67 -5.04 7.40
CA LEU B 220 -27.41 -5.25 8.63
C LEU B 220 -28.72 -5.95 8.32
N ASP B 221 -28.68 -7.28 8.32
CA ASP B 221 -29.83 -8.10 7.97
C ASP B 221 -30.44 -8.66 9.25
N TYR B 222 -31.76 -8.62 9.33
CA TYR B 222 -32.46 -8.98 10.56
C TYR B 222 -33.91 -9.25 10.21
N ALA B 223 -34.68 -9.68 11.21
CA ALA B 223 -36.02 -10.18 10.99
C ALA B 223 -37.01 -9.03 10.82
N ALA B 224 -38.29 -9.35 10.83
CA ALA B 224 -39.35 -8.36 10.68
C ALA B 224 -39.95 -7.95 12.01
N GLY B 225 -39.24 -8.19 13.11
CA GLY B 225 -39.76 -7.81 14.42
C GLY B 225 -38.72 -7.19 15.33
N SER B 226 -37.48 -7.14 14.86
CA SER B 226 -36.40 -6.63 15.68
C SER B 226 -36.35 -5.11 15.63
N SER B 227 -35.43 -4.52 16.38
CA SER B 227 -35.31 -3.07 16.46
C SER B 227 -34.49 -2.55 15.27
N THR B 228 -35.07 -1.60 14.54
CA THR B 228 -34.49 -1.18 13.27
C THR B 228 -33.27 -0.30 13.48
N TYR B 229 -33.41 0.72 14.32
CA TYR B 229 -32.35 1.71 14.54
C TYR B 229 -31.22 1.09 15.34
N ILE B 230 -30.11 0.81 14.69
CA ILE B 230 -28.91 0.36 15.38
C ILE B 230 -27.82 1.39 15.16
N PRO B 231 -27.49 2.21 16.15
CA PRO B 231 -26.57 3.32 15.94
C PRO B 231 -25.12 2.84 15.87
N ILE B 232 -24.24 3.76 15.50
CA ILE B 232 -22.79 3.55 15.60
C ILE B 232 -22.19 4.76 16.30
N THR B 233 -21.49 4.52 17.40
CA THR B 233 -20.94 5.58 18.23
C THR B 233 -19.42 5.44 18.27
N VAL B 234 -18.72 6.55 18.04
CA VAL B 234 -17.26 6.58 17.95
C VAL B 234 -16.74 7.56 18.98
N THR B 235 -15.77 7.13 19.78
CA THR B 235 -15.19 7.97 20.83
C THR B 235 -13.69 7.73 20.87
N VAL B 236 -12.91 8.78 20.62
CA VAL B 236 -11.46 8.67 20.58
C VAL B 236 -10.86 9.48 21.71
N ALA B 237 -9.56 9.33 21.90
CA ALA B 237 -8.80 10.01 22.94
C ALA B 237 -7.36 10.18 22.51
N PRO B 238 -6.86 11.41 22.43
CA PRO B 238 -5.45 11.63 22.12
C PRO B 238 -4.53 11.13 23.23
N MET B 239 -3.28 10.88 22.85
CA MET B 239 -2.26 10.38 23.75
C MET B 239 -0.96 11.13 23.51
N CYS B 240 -0.23 11.39 24.61
CA CYS B 240 1.12 11.96 24.59
C CYS B 240 1.16 13.31 23.89
N ALA B 241 0.15 14.14 24.13
CA ALA B 241 -0.04 15.37 23.38
C ALA B 241 0.94 16.44 23.83
N GLU B 242 1.41 17.24 22.88
CA GLU B 242 2.24 18.39 23.18
C GLU B 242 2.04 19.42 22.09
N TYR B 243 2.39 20.66 22.40
CA TYR B 243 2.03 21.78 21.55
C TYR B 243 3.16 22.79 21.52
N ASN B 244 3.54 23.22 20.32
CA ASN B 244 4.71 24.07 20.14
C ASN B 244 4.30 25.33 19.41
N GLY B 245 4.85 26.47 19.85
CA GLY B 245 4.60 27.73 19.16
C GLY B 245 3.29 28.42 19.48
N LEU B 246 3.13 28.90 20.72
CA LEU B 246 1.94 29.67 21.09
C LEU B 246 1.90 31.01 20.36
N ARG B 247 0.76 31.32 19.76
CA ARG B 247 0.58 32.57 19.04
C ARG B 247 -0.86 33.02 19.22
N LEU B 248 -1.21 34.17 18.63
CA LEU B 248 -2.57 34.70 18.67
C LEU B 248 -3.55 33.75 17.99
N ALA B 249 -4.82 33.90 18.34
CA ALA B 249 -5.84 32.94 17.95
C ALA B 249 -6.15 33.01 16.46
N GLY B 250 -6.93 32.04 16.01
CA GLY B 250 -7.46 32.00 14.66
C GLY B 250 -6.66 31.05 13.78
N HIS B 251 -7.13 30.94 12.53
CA HIS B 251 -6.40 30.21 11.51
C HIS B 251 -6.76 30.82 10.15
N GLN B 252 -5.74 31.23 9.39
CA GLN B 252 -5.93 31.85 8.09
C GLN B 252 -4.68 31.72 7.23
N GLY C 1 51.89 5.68 -19.28
CA GLY C 1 50.52 5.34 -18.99
C GLY C 1 50.35 3.97 -18.38
N LEU C 2 49.20 3.35 -18.63
CA LEU C 2 48.89 2.05 -18.10
C LEU C 2 48.25 1.19 -19.18
N PRO C 3 48.80 0.02 -19.49
CA PRO C 3 48.27 -0.78 -20.60
C PRO C 3 46.92 -1.40 -20.31
N VAL C 4 45.87 -0.82 -20.91
CA VAL C 4 44.50 -1.26 -20.70
C VAL C 4 43.81 -1.36 -22.05
N MET C 5 42.90 -2.32 -22.18
CA MET C 5 42.13 -2.44 -23.41
C MET C 5 40.69 -2.75 -23.03
N ASN C 6 39.74 -2.14 -23.74
CA ASN C 6 38.33 -2.31 -23.45
C ASN C 6 37.85 -3.70 -23.82
N THR C 7 36.68 -4.06 -23.30
CA THR C 7 36.02 -5.32 -23.56
C THR C 7 34.69 -5.06 -24.26
N PRO C 8 34.11 -6.06 -24.92
CA PRO C 8 32.72 -5.91 -25.38
C PRO C 8 31.77 -5.77 -24.20
N GLY C 9 31.14 -4.61 -24.11
CA GLY C 9 30.41 -4.19 -22.94
C GLY C 9 30.69 -2.76 -22.53
N SER C 10 31.73 -2.14 -23.10
CA SER C 10 32.02 -0.75 -22.83
C SER C 10 31.04 0.15 -23.58
N ASN C 11 30.74 1.31 -22.97
CA ASN C 11 29.86 2.35 -23.50
C ASN C 11 28.45 1.80 -23.80
N GLN C 12 27.80 1.32 -22.76
CA GLN C 12 26.41 0.93 -22.83
C GLN C 12 25.72 1.29 -21.53
N PHE C 13 24.43 1.58 -21.61
CA PHE C 13 23.60 1.82 -20.43
C PHE C 13 22.70 0.62 -20.22
N LEU C 14 22.71 0.08 -19.01
CA LEU C 14 21.91 -1.08 -18.65
C LEU C 14 21.02 -0.71 -17.48
N THR C 15 19.83 -1.30 -17.43
CA THR C 15 18.84 -0.92 -16.43
C THR C 15 19.26 -1.38 -15.03
N SER C 16 19.90 -2.53 -14.92
CA SER C 16 20.23 -3.14 -13.63
C SER C 16 21.67 -2.86 -13.21
N ASP C 17 22.18 -1.65 -13.47
CA ASP C 17 23.55 -1.32 -13.10
C ASP C 17 23.73 -1.22 -11.59
N ASP C 18 24.97 -1.35 -11.17
CA ASP C 18 25.35 -1.14 -9.78
C ASP C 18 26.71 -0.43 -9.73
N TYR C 19 26.89 0.58 -10.57
CA TYR C 19 28.18 1.25 -10.72
C TYR C 19 28.15 2.63 -10.09
N GLN C 20 29.27 2.98 -9.45
CA GLN C 20 29.37 4.19 -8.66
C GLN C 20 29.50 5.40 -9.57
N SER C 21 28.57 6.33 -9.45
CA SER C 21 28.52 7.54 -10.24
C SER C 21 28.82 8.75 -9.37
N PRO C 22 29.47 9.78 -9.91
CA PRO C 22 29.81 10.95 -9.09
C PRO C 22 28.58 11.78 -8.72
N THR C 23 28.70 12.50 -7.61
CA THR C 23 27.64 13.40 -7.17
C THR C 23 27.69 14.71 -7.94
N ALA C 24 26.54 15.36 -8.04
CA ALA C 24 26.46 16.65 -8.71
C ALA C 24 26.64 17.81 -7.75
N MET C 25 26.21 17.68 -6.49
N MET C 25 26.25 17.68 -6.49
CA MET C 25 26.40 18.72 -5.48
CA MET C 25 26.41 18.72 -5.48
C MET C 25 27.14 18.12 -4.30
C MET C 25 27.14 18.11 -4.29
N PRO C 26 28.46 18.26 -4.23
CA PRO C 26 29.23 17.60 -3.18
C PRO C 26 29.02 18.21 -1.80
N GLN C 27 29.44 17.44 -0.80
CA GLN C 27 29.46 17.84 0.62
C GLN C 27 28.07 18.24 1.10
N PHE C 28 27.05 17.53 0.63
CA PHE C 28 25.68 17.94 0.84
C PHE C 28 25.25 17.60 2.26
N ASP C 29 24.87 18.61 3.02
CA ASP C 29 24.50 18.42 4.42
C ASP C 29 23.14 17.73 4.49
N VAL C 30 23.16 16.40 4.61
CA VAL C 30 21.95 15.59 4.57
C VAL C 30 21.13 15.84 5.82
N THR C 31 19.83 16.03 5.64
CA THR C 31 18.93 16.18 6.78
C THR C 31 18.88 14.87 7.58
N PRO C 32 18.74 14.96 8.91
CA PRO C 32 18.84 13.76 9.75
C PRO C 32 17.70 12.79 9.53
N GLU C 33 17.92 11.59 10.02
CA GLU C 33 17.03 10.44 9.86
C GLU C 33 16.12 10.34 11.07
N MET C 34 14.86 9.94 10.83
CA MET C 34 13.85 9.92 11.87
C MET C 34 13.23 8.54 11.98
N ASN C 35 13.01 8.08 13.21
CA ASN C 35 12.47 6.76 13.52
C ASN C 35 10.97 6.80 13.27
N ILE C 36 10.58 6.45 12.05
CA ILE C 36 9.16 6.40 11.68
C ILE C 36 8.63 4.99 11.94
N PRO C 37 7.51 4.85 12.63
CA PRO C 37 6.99 3.51 12.92
C PRO C 37 6.33 2.86 11.71
N GLY C 38 6.55 1.56 11.57
CA GLY C 38 5.96 0.82 10.48
C GLY C 38 6.87 0.72 9.27
N GLU C 39 8.12 0.30 9.51
CA GLU C 39 9.13 0.28 8.47
C GLU C 39 9.05 -1.02 7.67
N VAL C 40 9.09 -0.89 6.36
CA VAL C 40 9.16 -2.03 5.45
C VAL C 40 10.58 -2.16 4.94
N LYS C 41 11.17 -3.33 5.14
CA LYS C 41 12.45 -3.68 4.55
C LYS C 41 12.35 -4.83 3.57
N ASN C 42 11.17 -5.40 3.40
CA ASN C 42 10.91 -6.50 2.48
C ASN C 42 9.44 -6.45 2.14
N LEU C 43 9.12 -6.57 0.85
CA LEU C 43 7.71 -6.61 0.44
C LEU C 43 7.02 -7.87 0.91
N MET C 44 7.77 -8.90 1.28
CA MET C 44 7.18 -10.13 1.80
C MET C 44 6.56 -9.95 3.17
N GLU C 45 6.93 -8.88 3.90
CA GLU C 45 6.19 -8.52 5.10
C GLU C 45 4.81 -8.00 4.74
N ILE C 46 4.67 -7.39 3.57
CA ILE C 46 3.38 -6.86 3.13
C ILE C 46 2.54 -7.97 2.54
N ALA C 47 3.18 -8.90 1.82
CA ALA C 47 2.43 -9.96 1.13
C ALA C 47 1.83 -10.99 2.07
N GLU C 48 2.29 -11.07 3.32
CA GLU C 48 1.79 -12.05 4.27
C GLU C 48 0.73 -11.48 5.20
N VAL C 49 0.05 -10.43 4.80
CA VAL C 49 -1.01 -9.80 5.58
C VAL C 49 -2.33 -10.17 4.94
N ASP C 50 -3.33 -10.51 5.77
CA ASP C 50 -4.64 -10.90 5.28
C ASP C 50 -5.33 -9.76 4.54
N SER C 51 -6.04 -10.12 3.48
CA SER C 51 -6.72 -9.18 2.61
C SER C 51 -7.83 -9.92 1.88
N VAL C 52 -8.88 -9.20 1.54
CA VAL C 52 -10.15 -9.82 1.17
C VAL C 52 -10.17 -10.06 -0.33
N VAL C 53 -10.61 -11.24 -0.73
CA VAL C 53 -10.63 -11.67 -2.13
C VAL C 53 -12.01 -11.39 -2.70
N PRO C 54 -12.11 -10.71 -3.84
CA PRO C 54 -13.42 -10.54 -4.50
C PRO C 54 -13.91 -11.80 -5.18
N VAL C 55 -14.58 -12.68 -4.44
CA VAL C 55 -14.94 -14.00 -4.96
C VAL C 55 -16.17 -13.94 -5.87
N ASN C 56 -17.17 -13.11 -5.55
CA ASN C 56 -18.49 -13.19 -6.18
C ASN C 56 -18.58 -12.38 -7.47
N ASN C 57 -17.47 -12.24 -8.20
CA ASN C 57 -17.43 -11.42 -9.40
C ASN C 57 -18.21 -12.08 -10.54
N VAL C 58 -19.54 -11.88 -10.49
CA VAL C 58 -20.47 -12.45 -11.46
C VAL C 58 -21.27 -11.29 -12.03
N ASN C 59 -21.07 -11.00 -13.33
CA ASN C 59 -21.88 -10.19 -14.24
C ASN C 59 -22.49 -8.90 -13.66
N GLU C 60 -21.59 -7.95 -13.36
CA GLU C 60 -21.83 -6.62 -12.77
C GLU C 60 -22.31 -6.78 -11.33
N ASN C 61 -21.51 -7.46 -10.52
CA ASN C 61 -21.42 -7.16 -9.10
C ASN C 61 -20.08 -6.54 -8.73
N VAL C 62 -19.18 -6.42 -9.71
CA VAL C 62 -17.90 -5.77 -9.47
C VAL C 62 -18.02 -4.26 -9.40
N ASN C 63 -19.12 -3.69 -9.87
CA ASN C 63 -19.30 -2.24 -9.78
C ASN C 63 -20.05 -1.87 -8.50
N SER C 64 -19.62 -2.46 -7.39
CA SER C 64 -20.34 -2.42 -6.11
C SER C 64 -19.46 -3.13 -5.09
N LEU C 65 -19.92 -3.12 -3.85
CA LEU C 65 -19.30 -3.87 -2.78
C LEU C 65 -19.83 -5.30 -2.69
N GLU C 66 -20.79 -5.65 -3.54
CA GLU C 66 -21.41 -6.97 -3.53
C GLU C 66 -20.43 -8.09 -3.86
N ALA C 67 -19.34 -7.80 -4.55
CA ALA C 67 -18.42 -8.82 -5.02
C ALA C 67 -17.69 -9.55 -3.89
N TYR C 68 -17.62 -8.98 -2.70
CA TYR C 68 -16.90 -9.63 -1.61
C TYR C 68 -17.76 -10.61 -0.82
N ARG C 69 -19.08 -10.52 -0.95
CA ARG C 69 -19.98 -11.37 -0.20
C ARG C 69 -20.09 -12.72 -0.88
N ILE C 70 -19.83 -13.80 -0.13
CA ILE C 70 -20.13 -15.15 -0.61
C ILE C 70 -21.44 -15.57 0.04
N PRO C 71 -22.55 -15.62 -0.70
CA PRO C 71 -23.83 -16.00 -0.09
C PRO C 71 -23.89 -17.48 0.22
N VAL C 72 -24.60 -17.80 1.28
CA VAL C 72 -24.78 -19.18 1.71
C VAL C 72 -26.08 -19.24 2.50
N HIS C 73 -26.79 -20.35 2.37
CA HIS C 73 -28.14 -20.45 2.90
C HIS C 73 -28.49 -21.91 3.13
N SER C 74 -29.67 -22.13 3.71
CA SER C 74 -30.14 -23.48 3.99
C SER C 74 -30.52 -24.18 2.69
N VAL C 75 -30.07 -25.41 2.54
CA VAL C 75 -30.36 -26.17 1.33
C VAL C 75 -31.44 -27.20 1.63
N THR C 76 -31.91 -27.88 0.58
CA THR C 76 -32.93 -28.89 0.76
C THR C 76 -32.34 -30.17 1.34
N GLU C 77 -31.41 -30.81 0.63
CA GLU C 77 -30.86 -32.05 1.18
C GLU C 77 -29.53 -31.85 1.91
N THR C 78 -28.46 -31.62 1.15
CA THR C 78 -27.07 -31.48 1.61
C THR C 78 -26.17 -31.32 0.40
N GLY C 79 -24.90 -31.03 0.68
CA GLY C 79 -23.79 -31.27 -0.25
C GLY C 79 -23.78 -30.55 -1.58
N ALA C 80 -23.84 -29.23 -1.57
CA ALA C 80 -23.75 -28.45 -2.79
C ALA C 80 -22.49 -27.61 -2.77
N GLN C 81 -22.16 -27.04 -3.94
CA GLN C 81 -20.94 -26.29 -4.15
C GLN C 81 -21.26 -24.82 -4.03
N VAL C 82 -20.80 -24.19 -2.93
CA VAL C 82 -21.07 -22.78 -2.73
C VAL C 82 -20.25 -21.94 -3.70
N PHE C 83 -18.94 -22.01 -3.60
CA PHE C 83 -18.05 -21.34 -4.53
C PHE C 83 -16.93 -22.29 -4.92
N GLY C 84 -16.05 -21.82 -5.78
CA GLY C 84 -14.96 -22.61 -6.28
C GLY C 84 -14.18 -21.84 -7.32
N PHE C 85 -12.86 -21.97 -7.32
CA PHE C 85 -12.02 -21.12 -8.13
C PHE C 85 -10.65 -21.76 -8.29
N THR C 86 -10.00 -21.46 -9.41
CA THR C 86 -8.67 -21.95 -9.70
C THR C 86 -7.65 -21.24 -8.81
N LEU C 87 -6.49 -21.86 -8.65
CA LEU C 87 -5.42 -21.30 -7.82
C LEU C 87 -4.37 -20.76 -8.78
N GLN C 88 -4.53 -19.51 -9.18
CA GLN C 88 -3.54 -18.82 -10.01
C GLN C 88 -3.36 -17.39 -9.49
N PRO C 89 -2.51 -17.21 -8.49
CA PRO C 89 -2.30 -15.85 -7.95
C PRO C 89 -1.54 -14.96 -8.91
N GLY C 90 -2.26 -14.41 -9.88
CA GLY C 90 -1.67 -13.53 -10.87
C GLY C 90 -2.28 -13.71 -12.23
N ALA C 91 -2.93 -14.85 -12.44
CA ALA C 91 -3.59 -15.15 -13.71
C ALA C 91 -5.05 -15.53 -13.55
N ASP C 92 -5.61 -15.42 -12.36
CA ASP C 92 -6.99 -15.76 -12.10
C ASP C 92 -7.88 -14.57 -12.42
N THR C 93 -9.19 -14.78 -12.35
CA THR C 93 -10.15 -13.70 -12.35
C THR C 93 -10.76 -13.49 -10.97
N VAL C 94 -10.21 -14.15 -9.95
CA VAL C 94 -10.76 -14.08 -8.61
C VAL C 94 -9.76 -13.38 -7.69
N MET C 95 -8.57 -13.94 -7.55
CA MET C 95 -7.51 -13.33 -6.74
C MET C 95 -6.58 -12.46 -7.57
N GLU C 96 -7.08 -11.89 -8.65
CA GLU C 96 -6.25 -11.08 -9.54
C GLU C 96 -5.91 -9.73 -8.93
N ARG C 97 -6.87 -9.13 -8.24
CA ARG C 97 -6.75 -7.76 -7.77
C ARG C 97 -6.49 -7.69 -6.27
N THR C 98 -6.33 -8.83 -5.61
CA THR C 98 -6.01 -8.84 -4.20
C THR C 98 -4.52 -8.51 -4.07
N LEU C 99 -4.09 -8.18 -2.84
CA LEU C 99 -2.75 -7.66 -2.59
C LEU C 99 -1.67 -8.68 -2.94
N LEU C 100 -1.92 -9.96 -2.60
CA LEU C 100 -1.05 -11.05 -3.05
C LEU C 100 -1.03 -11.15 -4.57
N GLY C 101 -2.20 -10.94 -5.20
CA GLY C 101 -2.26 -10.96 -6.65
C GLY C 101 -1.53 -9.79 -7.29
N GLU C 102 -1.54 -8.63 -6.62
CA GLU C 102 -0.84 -7.47 -7.17
C GLU C 102 0.67 -7.65 -7.09
N ILE C 103 1.16 -8.07 -5.92
CA ILE C 103 2.60 -8.27 -5.75
C ILE C 103 3.11 -9.36 -6.67
N LEU C 104 2.38 -10.47 -6.78
CA LEU C 104 2.79 -11.51 -7.72
C LEU C 104 2.63 -11.09 -9.18
N ASN C 105 1.75 -10.12 -9.47
CA ASN C 105 1.75 -9.55 -10.81
C ASN C 105 2.96 -8.66 -11.07
N TYR C 106 3.64 -8.19 -10.02
CA TYR C 106 4.98 -7.66 -10.27
C TYR C 106 6.07 -8.72 -10.36
N TYR C 107 5.75 -10.01 -10.28
CA TYR C 107 6.78 -11.03 -10.38
C TYR C 107 6.41 -12.08 -11.41
N ALA C 108 7.29 -13.06 -11.59
CA ALA C 108 7.13 -14.07 -12.62
C ALA C 108 7.20 -15.50 -12.11
N ASN C 109 8.14 -15.80 -11.21
CA ASN C 109 8.34 -17.16 -10.70
C ASN C 109 8.22 -17.14 -9.19
N TRP C 110 7.19 -17.82 -8.67
CA TRP C 110 6.94 -17.82 -7.24
C TRP C 110 6.89 -19.24 -6.72
N SER C 111 6.92 -19.35 -5.39
CA SER C 111 6.82 -20.62 -4.68
C SER C 111 6.38 -20.34 -3.26
N GLY C 112 5.92 -21.40 -2.59
CA GLY C 112 5.56 -21.32 -1.20
C GLY C 112 4.07 -21.56 -0.98
N SER C 113 3.70 -21.64 0.29
CA SER C 113 2.36 -22.01 0.69
C SER C 113 1.47 -20.78 0.89
N ILE C 114 0.19 -20.98 0.67
CA ILE C 114 -0.82 -19.92 0.67
C ILE C 114 -1.88 -20.26 1.71
N LYS C 115 -2.17 -19.31 2.60
CA LYS C 115 -3.25 -19.47 3.56
C LYS C 115 -4.52 -18.82 3.05
N LEU C 116 -5.64 -19.50 3.24
CA LEU C 116 -6.95 -18.88 3.15
C LEU C 116 -7.57 -18.84 4.53
N THR C 117 -8.37 -17.81 4.78
CA THR C 117 -9.00 -17.61 6.07
C THR C 117 -10.45 -17.20 5.83
N PHE C 118 -11.39 -17.88 6.47
CA PHE C 118 -12.81 -17.72 6.16
C PHE C 118 -13.58 -17.23 7.38
N MET C 119 -13.77 -15.92 7.48
CA MET C 119 -14.67 -15.36 8.47
C MET C 119 -16.11 -15.68 8.11
N TYR C 120 -16.89 -16.11 9.10
CA TYR C 120 -18.31 -16.33 8.94
C TYR C 120 -19.05 -15.14 9.56
N CYS C 121 -19.84 -14.44 8.75
CA CYS C 121 -20.52 -13.23 9.17
C CYS C 121 -22.03 -13.41 9.18
N GLY C 122 -22.50 -14.56 9.65
CA GLY C 122 -23.92 -14.82 9.81
C GLY C 122 -24.41 -14.38 11.16
N SER C 123 -25.56 -14.93 11.54
CA SER C 123 -26.16 -14.59 12.82
C SER C 123 -25.45 -15.34 13.95
N ALA C 124 -25.85 -15.03 15.18
CA ALA C 124 -25.24 -15.60 16.36
C ALA C 124 -25.92 -16.88 16.82
N MET C 125 -26.87 -17.41 16.05
CA MET C 125 -27.63 -18.57 16.47
C MET C 125 -27.63 -19.69 15.44
N ALA C 126 -27.11 -19.48 14.24
CA ALA C 126 -27.12 -20.48 13.19
C ALA C 126 -25.78 -21.21 13.14
N THR C 127 -25.84 -22.50 12.83
CA THR C 127 -24.65 -23.33 12.73
C THR C 127 -24.60 -23.99 11.38
N GLY C 128 -23.47 -24.65 11.10
CA GLY C 128 -23.26 -25.32 9.84
C GLY C 128 -21.81 -25.66 9.61
N LYS C 129 -21.54 -26.74 8.89
CA LYS C 129 -20.20 -27.23 8.67
C LYS C 129 -19.88 -27.19 7.19
N PHE C 130 -18.63 -26.87 6.85
CA PHE C 130 -18.27 -26.64 5.47
C PHE C 130 -16.95 -27.32 5.12
N LEU C 131 -16.97 -28.14 4.06
CA LEU C 131 -15.80 -28.86 3.60
C LEU C 131 -15.00 -27.95 2.68
N LEU C 132 -13.76 -27.64 3.06
CA LEU C 132 -12.90 -26.72 2.33
C LEU C 132 -11.75 -27.52 1.73
N ALA C 133 -11.89 -27.93 0.48
CA ALA C 133 -10.99 -28.89 -0.13
C ALA C 133 -9.89 -28.20 -0.94
N TYR C 134 -8.92 -29.00 -1.38
CA TYR C 134 -7.88 -28.59 -2.31
C TYR C 134 -7.52 -29.79 -3.17
N SER C 135 -7.82 -29.72 -4.45
CA SER C 135 -7.61 -30.85 -5.35
C SER C 135 -6.45 -30.55 -6.27
N PRO C 136 -5.31 -31.22 -6.12
CA PRO C 136 -4.19 -31.00 -7.03
C PRO C 136 -4.53 -31.53 -8.42
N PRO C 137 -3.95 -30.95 -9.48
CA PRO C 137 -4.39 -31.28 -10.83
C PRO C 137 -3.93 -32.65 -11.31
N GLY C 138 -4.18 -32.91 -12.59
CA GLY C 138 -3.99 -34.24 -13.15
C GLY C 138 -5.35 -34.84 -13.42
N ALA C 139 -6.25 -34.67 -12.45
CA ALA C 139 -7.67 -34.90 -12.66
C ALA C 139 -8.36 -33.55 -12.85
N GLY C 140 -9.65 -33.59 -13.15
CA GLY C 140 -10.37 -32.36 -13.43
C GLY C 140 -10.79 -31.61 -12.20
N VAL C 141 -12.02 -31.12 -12.20
CA VAL C 141 -12.60 -30.41 -11.06
C VAL C 141 -13.67 -31.32 -10.46
N PRO C 142 -13.62 -31.61 -9.16
CA PRO C 142 -14.53 -32.59 -8.56
C PRO C 142 -15.97 -32.08 -8.54
N LYS C 143 -16.85 -32.83 -9.18
CA LYS C 143 -18.20 -32.34 -9.46
C LYS C 143 -19.18 -32.54 -8.32
N ASN C 144 -18.95 -33.51 -7.43
CA ASN C 144 -19.79 -33.67 -6.25
C ASN C 144 -18.92 -33.78 -5.01
N ARG C 145 -19.57 -33.90 -3.85
CA ARG C 145 -18.85 -33.86 -2.58
C ARG C 145 -18.03 -35.12 -2.37
N ARG C 146 -18.45 -36.24 -2.95
CA ARG C 146 -17.72 -37.49 -2.80
C ARG C 146 -16.38 -37.44 -3.54
N GLU C 147 -16.33 -36.75 -4.67
CA GLU C 147 -15.06 -36.56 -5.35
C GLU C 147 -14.24 -35.45 -4.72
N ALA C 148 -14.83 -34.62 -3.87
CA ALA C 148 -14.12 -33.47 -3.34
C ALA C 148 -13.30 -33.82 -2.10
N MET C 149 -13.71 -34.82 -1.34
CA MET C 149 -13.04 -35.16 -0.09
C MET C 149 -11.87 -36.13 -0.29
N LEU C 150 -11.48 -36.41 -1.53
CA LEU C 150 -10.27 -37.17 -1.81
C LEU C 150 -9.06 -36.29 -2.07
N GLY C 151 -9.11 -35.03 -1.65
CA GLY C 151 -7.96 -34.16 -1.65
C GLY C 151 -7.64 -33.66 -0.25
N THR C 152 -6.68 -32.74 -0.21
CA THR C 152 -6.39 -32.03 1.02
C THR C 152 -7.60 -31.16 1.40
N HIS C 153 -8.28 -31.53 2.48
CA HIS C 153 -9.48 -30.82 2.86
C HIS C 153 -9.40 -30.44 4.33
N ILE C 154 -10.46 -29.79 4.81
CA ILE C 154 -10.66 -29.51 6.22
C ILE C 154 -12.16 -29.41 6.45
N ILE C 155 -12.60 -29.83 7.63
CA ILE C 155 -14.01 -29.81 7.98
C ILE C 155 -14.17 -28.75 9.06
N TRP C 156 -14.76 -27.62 8.71
CA TRP C 156 -14.81 -26.46 9.57
C TRP C 156 -16.20 -26.25 10.15
N ASP C 157 -16.24 -26.03 11.47
CA ASP C 157 -17.46 -25.81 12.21
C ASP C 157 -17.58 -24.35 12.59
N ILE C 158 -18.82 -23.91 12.80
CA ILE C 158 -19.11 -22.52 13.16
C ILE C 158 -19.55 -22.50 14.61
N GLY C 159 -18.79 -21.80 15.44
CA GLY C 159 -19.13 -21.65 16.85
C GLY C 159 -18.76 -20.29 17.38
N LEU C 160 -18.02 -20.27 18.50
CA LEU C 160 -17.43 -19.02 18.96
C LEU C 160 -16.35 -18.56 17.98
N GLN C 161 -15.50 -19.49 17.55
CA GLN C 161 -14.46 -19.19 16.59
C GLN C 161 -15.09 -19.01 15.21
N SER C 162 -15.17 -17.76 14.76
CA SER C 162 -15.89 -17.44 13.54
C SER C 162 -15.06 -17.62 12.28
N SER C 163 -13.75 -17.74 12.41
CA SER C 163 -12.87 -17.82 11.24
C SER C 163 -12.05 -19.10 11.25
N CYS C 164 -11.91 -19.69 10.07
CA CYS C 164 -11.12 -20.89 9.87
C CYS C 164 -9.81 -20.57 9.19
N VAL C 165 -8.94 -21.58 9.10
CA VAL C 165 -7.73 -21.50 8.29
C VAL C 165 -7.60 -22.79 7.50
N LEU C 166 -7.66 -22.69 6.17
CA LEU C 166 -7.23 -23.77 5.29
C LEU C 166 -5.83 -23.41 4.81
N CYS C 167 -4.83 -24.09 5.36
CA CYS C 167 -3.44 -23.82 5.03
C CYS C 167 -3.03 -24.78 3.93
N VAL C 168 -3.06 -24.30 2.69
CA VAL C 168 -2.75 -25.11 1.51
C VAL C 168 -1.26 -25.42 1.51
N PRO C 169 -0.87 -26.69 1.61
CA PRO C 169 0.55 -27.04 1.62
C PRO C 169 1.14 -26.97 0.21
N TRP C 170 2.41 -27.35 0.12
CA TRP C 170 3.16 -27.23 -1.12
C TRP C 170 3.40 -28.61 -1.70
N ILE C 171 2.65 -28.94 -2.74
CA ILE C 171 2.78 -30.20 -3.45
C ILE C 171 3.07 -29.84 -4.90
N SER C 172 4.32 -30.03 -5.34
CA SER C 172 4.70 -29.55 -6.65
C SER C 172 5.88 -30.37 -7.18
N GLN C 173 5.92 -30.49 -8.50
CA GLN C 173 7.07 -31.10 -9.16
C GLN C 173 8.28 -30.17 -9.07
N THR C 174 8.17 -28.99 -9.66
CA THR C 174 9.27 -28.05 -9.64
C THR C 174 9.29 -27.30 -8.31
N HIS C 175 10.39 -26.58 -8.09
CA HIS C 175 10.45 -25.69 -6.94
C HIS C 175 9.54 -24.47 -7.13
N TYR C 176 9.57 -23.85 -8.31
CA TYR C 176 8.90 -22.59 -8.56
C TYR C 176 7.81 -22.76 -9.60
N ARG C 177 6.81 -21.88 -9.53
CA ARG C 177 5.69 -21.86 -10.47
C ARG C 177 5.85 -20.71 -11.46
N PHE C 178 4.81 -20.47 -12.24
CA PHE C 178 4.73 -19.30 -13.08
C PHE C 178 3.51 -18.48 -12.70
N VAL C 179 3.66 -17.15 -12.80
CA VAL C 179 2.53 -16.27 -12.56
C VAL C 179 1.56 -16.30 -13.73
N SER C 180 2.10 -16.28 -14.94
CA SER C 180 1.28 -16.16 -16.15
C SER C 180 0.49 -17.44 -16.40
N LYS C 181 -0.55 -17.31 -17.22
CA LYS C 181 -1.40 -18.43 -17.58
C LYS C 181 -0.64 -19.33 -18.54
N ASP C 182 -0.40 -20.58 -18.14
CA ASP C 182 0.26 -21.55 -18.98
C ASP C 182 -0.24 -22.94 -18.62
N ILE C 183 0.26 -23.94 -19.36
CA ILE C 183 -0.26 -25.28 -19.23
C ILE C 183 0.64 -26.18 -18.39
N TYR C 184 1.96 -25.97 -18.45
CA TYR C 184 2.92 -26.86 -17.80
C TYR C 184 2.83 -26.83 -16.28
N THR C 185 2.46 -25.70 -15.69
CA THR C 185 2.34 -25.57 -14.24
C THR C 185 0.92 -25.17 -13.89
N ASP C 186 0.12 -26.13 -13.44
CA ASP C 186 -1.18 -25.87 -12.85
C ASP C 186 -1.16 -26.31 -11.39
N ALA C 187 -1.96 -25.65 -10.57
CA ALA C 187 -1.78 -25.66 -9.12
C ALA C 187 -2.77 -26.49 -8.34
N GLY C 188 -4.06 -26.22 -8.51
CA GLY C 188 -5.07 -26.81 -7.64
C GLY C 188 -6.38 -26.08 -7.81
N PHE C 189 -7.43 -26.71 -7.27
CA PHE C 189 -8.80 -26.24 -7.52
C PHE C 189 -9.55 -26.22 -6.20
N ILE C 190 -9.58 -25.05 -5.56
CA ILE C 190 -10.38 -24.85 -4.35
C ILE C 190 -11.85 -25.06 -4.67
N THR C 191 -12.52 -25.84 -3.84
CA THR C 191 -13.94 -26.05 -3.97
C THR C 191 -14.56 -26.27 -2.59
N CYS C 192 -15.48 -25.38 -2.23
CA CYS C 192 -16.14 -25.37 -0.94
C CYS C 192 -17.45 -26.12 -1.04
N TRP C 193 -17.81 -26.82 0.02
CA TRP C 193 -18.94 -27.74 -0.03
C TRP C 193 -19.66 -27.74 1.30
N TYR C 194 -20.99 -27.89 1.23
CA TYR C 194 -21.80 -28.08 2.43
C TYR C 194 -21.47 -29.44 3.04
N GLN C 195 -20.87 -29.44 4.23
CA GLN C 195 -20.84 -30.68 5.00
C GLN C 195 -22.21 -30.97 5.59
N THR C 196 -22.83 -29.96 6.19
CA THR C 196 -24.25 -29.95 6.50
C THR C 196 -24.85 -28.67 5.93
N SER C 197 -26.14 -28.47 6.18
CA SER C 197 -26.82 -27.26 5.76
C SER C 197 -26.67 -26.21 6.84
N ILE C 198 -27.44 -25.13 6.75
CA ILE C 198 -27.45 -24.09 7.77
C ILE C 198 -28.75 -24.21 8.53
N VAL C 199 -28.68 -24.68 9.77
CA VAL C 199 -29.84 -24.76 10.65
C VAL C 199 -29.94 -23.46 11.42
N VAL C 200 -31.06 -22.75 11.24
CA VAL C 200 -31.26 -21.46 11.89
C VAL C 200 -32.63 -21.48 12.58
N PRO C 201 -32.76 -20.98 13.79
CA PRO C 201 -34.07 -20.94 14.44
C PRO C 201 -34.95 -19.82 13.90
N ALA C 202 -36.14 -19.71 14.48
CA ALA C 202 -37.16 -18.79 13.97
C ALA C 202 -36.80 -17.35 14.29
N GLU C 203 -37.46 -16.44 13.55
CA GLU C 203 -37.28 -14.98 13.63
C GLU C 203 -35.84 -14.55 13.39
N VAL C 204 -35.13 -15.28 12.54
CA VAL C 204 -33.80 -14.90 12.07
C VAL C 204 -33.84 -15.04 10.55
N GLN C 205 -33.10 -14.19 9.85
CA GLN C 205 -32.99 -14.31 8.40
C GLN C 205 -32.29 -15.61 8.02
N ASN C 206 -32.58 -16.06 6.81
CA ASN C 206 -32.12 -17.36 6.32
C ASN C 206 -30.72 -17.26 5.74
N GLN C 207 -30.47 -16.25 4.91
CA GLN C 207 -29.22 -16.15 4.17
C GLN C 207 -28.17 -15.35 4.94
N SER C 208 -26.91 -15.69 4.72
CA SER C 208 -25.81 -15.01 5.38
C SER C 208 -24.66 -14.73 4.43
N VAL C 209 -23.52 -14.28 4.96
CA VAL C 209 -22.37 -13.87 4.15
C VAL C 209 -21.11 -14.50 4.74
N ILE C 210 -20.37 -15.26 3.92
CA ILE C 210 -19.03 -15.73 4.26
C ILE C 210 -18.03 -14.83 3.55
N LEU C 211 -16.95 -14.47 4.24
CA LEU C 211 -15.84 -13.76 3.62
C LEU C 211 -14.65 -14.68 3.43
N CYS C 212 -13.71 -14.25 2.61
CA CYS C 212 -12.47 -14.98 2.38
C CYS C 212 -11.27 -14.05 2.49
N PHE C 213 -10.21 -14.52 3.13
CA PHE C 213 -8.97 -13.80 3.27
C PHE C 213 -7.85 -14.60 2.61
N VAL C 214 -6.73 -13.96 2.31
CA VAL C 214 -5.61 -14.65 1.69
C VAL C 214 -4.31 -14.03 2.20
N SER C 215 -3.27 -14.84 2.29
CA SER C 215 -1.97 -14.45 2.81
C SER C 215 -0.96 -15.49 2.34
N ALA C 216 0.24 -15.44 2.91
CA ALA C 216 1.30 -16.36 2.56
C ALA C 216 1.96 -16.92 3.82
N CYS C 217 2.48 -18.13 3.71
CA CYS C 217 3.11 -18.80 4.85
C CYS C 217 4.55 -18.36 5.01
N ASN C 218 5.29 -19.08 5.84
CA ASN C 218 6.65 -18.73 6.20
C ASN C 218 7.66 -18.93 5.08
N ASP C 219 7.35 -19.75 4.07
CA ASP C 219 8.33 -20.09 3.04
C ASP C 219 7.87 -19.62 1.66
N PHE C 220 7.30 -18.43 1.58
CA PHE C 220 6.81 -17.94 0.30
C PHE C 220 7.92 -17.14 -0.36
N SER C 221 7.97 -17.18 -1.70
CA SER C 221 9.10 -16.59 -2.41
C SER C 221 8.64 -16.10 -3.77
N VAL C 222 9.37 -15.11 -4.32
CA VAL C 222 9.22 -14.65 -5.70
C VAL C 222 10.61 -14.48 -6.29
N ARG C 223 10.73 -14.63 -7.61
CA ARG C 223 12.07 -14.70 -8.18
C ARG C 223 12.37 -13.63 -9.24
N LEU C 224 11.59 -13.50 -10.32
CA LEU C 224 11.92 -12.59 -11.41
C LEU C 224 11.05 -11.34 -11.42
N LEU C 225 11.68 -10.18 -11.53
CA LEU C 225 10.95 -8.93 -11.77
C LEU C 225 10.48 -8.83 -13.21
N ARG C 226 9.43 -8.05 -13.41
CA ARG C 226 8.92 -7.64 -14.71
C ARG C 226 7.94 -6.50 -14.49
N ASP C 227 7.33 -6.02 -15.57
CA ASP C 227 6.24 -5.07 -15.46
C ASP C 227 4.91 -5.81 -15.32
N SER C 228 4.02 -5.22 -14.55
CA SER C 228 2.72 -5.82 -14.33
C SER C 228 1.77 -5.48 -15.49
N PRO C 229 0.85 -6.39 -15.83
CA PRO C 229 -0.04 -6.14 -16.97
C PRO C 229 -1.22 -5.22 -16.69
N PHE C 230 -1.18 -4.48 -15.58
CA PHE C 230 -2.28 -3.62 -15.17
C PHE C 230 -2.09 -2.16 -15.57
N VAL C 231 -0.91 -1.77 -16.00
CA VAL C 231 -0.61 -0.38 -16.33
C VAL C 231 -0.95 -0.17 -17.80
N ARG C 232 -2.00 0.59 -18.07
CA ARG C 232 -2.53 0.77 -19.43
C ARG C 232 -2.69 2.26 -19.67
N GLN C 233 -1.62 2.92 -20.11
CA GLN C 233 -1.69 4.35 -20.38
C GLN C 233 -1.46 4.62 -21.86
N THR C 234 -1.86 5.82 -22.29
CA THR C 234 -1.73 6.22 -23.68
C THR C 234 -0.75 7.36 -23.86
N ALA C 235 -0.94 8.48 -23.17
CA ALA C 235 -0.06 9.63 -23.29
C ALA C 235 0.39 10.10 -21.92
N PHE C 236 1.08 11.23 -21.87
CA PHE C 236 1.56 11.77 -20.61
C PHE C 236 0.48 12.56 -19.90
N TYR C 237 0.73 12.86 -18.63
CA TYR C 237 -0.31 13.29 -17.70
C TYR C 237 -0.25 14.79 -17.45
N GLN C 238 -0.01 15.59 -18.48
CA GLN C 238 -0.06 17.05 -18.34
C GLN C 238 -1.48 17.51 -18.07
N GLY D 1 42.35 0.45 1.47
CA GLY D 1 40.97 0.77 1.79
C GLY D 1 39.99 -0.14 1.08
N ALA D 2 40.28 -1.44 1.09
CA ALA D 2 39.48 -2.43 0.38
C ALA D 2 38.51 -3.13 1.31
N GLN D 3 37.41 -3.60 0.74
CA GLN D 3 36.39 -4.35 1.47
C GLN D 3 36.06 -5.61 0.67
N VAL D 4 36.11 -6.75 1.35
CA VAL D 4 35.90 -8.05 0.71
C VAL D 4 34.67 -8.69 1.33
N SER D 5 33.73 -9.10 0.49
CA SER D 5 32.53 -9.79 0.97
C SER D 5 32.11 -10.82 -0.06
N THR D 6 31.21 -11.72 0.35
CA THR D 6 30.82 -12.84 -0.48
C THR D 6 29.84 -12.44 -1.56
N GLN D 7 29.93 -13.11 -2.70
CA GLN D 7 28.98 -12.90 -3.78
C GLN D 7 27.68 -13.63 -3.48
N LYS D 8 26.66 -13.34 -4.28
CA LYS D 8 25.37 -14.01 -4.15
C LYS D 8 25.36 -15.25 -5.05
N THR D 9 25.42 -16.42 -4.43
CA THR D 9 25.34 -17.69 -5.14
C THR D 9 24.38 -18.62 -4.42
N GLY D 10 23.84 -19.58 -5.17
CA GLY D 10 22.84 -20.47 -4.65
C GLY D 10 23.40 -21.51 -3.70
N ALA D 11 22.49 -22.21 -3.03
CA ALA D 11 22.86 -23.25 -2.08
C ALA D 11 23.27 -24.52 -2.82
N HIS D 12 24.05 -25.34 -2.11
CA HIS D 12 24.51 -26.69 -2.47
C HIS D 12 25.57 -26.67 -3.59
N GLU D 13 25.79 -25.52 -4.23
CA GLU D 13 26.82 -25.39 -5.25
C GLU D 13 27.15 -23.91 -5.48
N ILE D 24 34.03 -16.47 -5.47
CA ILE D 24 33.43 -15.47 -4.60
C ILE D 24 34.49 -14.52 -4.07
N HIS D 25 34.13 -13.76 -3.03
CA HIS D 25 34.98 -12.77 -2.36
C HIS D 25 35.44 -11.67 -3.32
N TYR D 26 34.47 -10.87 -3.74
CA TYR D 26 34.72 -9.80 -4.70
C TYR D 26 35.39 -8.60 -4.03
N THR D 27 35.63 -7.55 -4.83
CA THR D 27 36.42 -6.40 -4.42
C THR D 27 35.57 -5.14 -4.53
N ASN D 28 35.61 -4.30 -3.50
CA ASN D 28 34.83 -3.08 -3.46
C ASN D 28 35.69 -1.97 -2.86
N ILE D 29 35.91 -0.90 -3.63
CA ILE D 29 36.70 0.24 -3.18
C ILE D 29 35.84 1.49 -3.34
N ASN D 30 35.70 2.26 -2.27
CA ASN D 30 34.82 3.42 -2.25
C ASN D 30 35.61 4.62 -2.77
N TYR D 31 35.21 5.13 -3.94
CA TYR D 31 35.99 6.11 -4.68
C TYR D 31 35.65 7.54 -4.34
N TYR D 32 34.40 7.94 -4.58
CA TYR D 32 34.07 9.36 -4.53
C TYR D 32 33.86 9.83 -3.10
N LYS D 33 33.95 11.14 -2.93
CA LYS D 33 34.04 11.77 -1.62
C LYS D 33 32.71 11.94 -0.92
N ASP D 34 31.65 11.24 -1.33
CA ASP D 34 30.35 11.34 -0.69
C ASP D 34 29.78 9.96 -0.42
N ALA D 35 28.56 9.95 0.11
CA ALA D 35 27.80 8.72 0.34
C ALA D 35 26.71 8.51 -0.69
N ALA D 36 26.34 9.56 -1.43
CA ALA D 36 25.41 9.39 -2.53
C ALA D 36 26.04 8.76 -3.76
N SER D 37 27.36 8.58 -3.75
CA SER D 37 28.06 7.84 -4.79
C SER D 37 28.28 6.38 -4.46
N ASN D 38 28.05 5.98 -3.22
CA ASN D 38 28.21 4.59 -2.84
C ASN D 38 27.17 3.73 -3.54
N SER D 39 27.54 2.48 -3.83
CA SER D 39 26.71 1.61 -4.63
C SER D 39 25.48 1.17 -3.83
N ALA D 40 24.52 0.60 -4.57
CA ALA D 40 23.26 0.19 -3.96
C ALA D 40 23.46 -1.02 -3.05
N ASN D 41 23.00 -0.91 -1.81
CA ASN D 41 23.18 -1.96 -0.82
C ASN D 41 22.13 -3.05 -1.06
N ARG D 42 22.46 -3.94 -2.00
CA ARG D 42 21.53 -4.95 -2.48
C ARG D 42 21.77 -6.30 -1.84
N GLN D 43 22.17 -6.32 -0.57
CA GLN D 43 22.39 -7.56 0.17
C GLN D 43 21.76 -7.51 1.55
N ASP D 44 20.71 -6.70 1.71
CA ASP D 44 19.98 -6.60 2.97
C ASP D 44 18.80 -7.57 2.90
N PHE D 45 18.94 -8.73 3.51
CA PHE D 45 17.93 -9.78 3.48
C PHE D 45 17.09 -9.80 4.75
N THR D 46 17.21 -8.79 5.60
CA THR D 46 16.60 -8.82 6.91
C THR D 46 15.11 -8.51 6.82
N GLN D 47 14.33 -9.20 7.66
CA GLN D 47 12.89 -8.98 7.71
C GLN D 47 12.38 -9.28 9.10
N ASP D 48 11.20 -8.75 9.39
CA ASP D 48 10.52 -8.96 10.66
C ASP D 48 9.03 -8.67 10.45
N PRO D 49 8.20 -9.68 10.19
CA PRO D 49 6.76 -9.46 10.06
C PRO D 49 6.01 -9.40 11.40
N GLY D 50 6.57 -8.67 12.35
CA GLY D 50 6.01 -8.52 13.67
C GLY D 50 5.22 -7.26 13.88
N LYS D 51 5.18 -6.38 12.88
CA LYS D 51 4.38 -5.16 12.96
C LYS D 51 3.43 -5.02 11.79
N PHE D 52 3.19 -6.09 11.07
CA PHE D 52 2.13 -6.19 10.07
C PHE D 52 1.28 -7.41 10.30
N THR D 53 1.88 -8.49 10.79
CA THR D 53 1.18 -9.52 11.52
C THR D 53 1.52 -9.38 12.99
N GLU D 54 0.63 -9.91 13.83
CA GLU D 54 0.60 -9.63 15.27
C GLU D 54 0.71 -8.15 15.64
N PRO D 55 -0.24 -7.30 15.21
CA PRO D 55 -0.13 -5.90 15.63
C PRO D 55 -0.83 -5.66 16.95
N VAL D 56 -0.70 -6.57 17.91
CA VAL D 56 -1.68 -6.67 18.98
C VAL D 56 -1.00 -6.60 20.34
N LYS D 57 -1.80 -6.21 21.32
CA LYS D 57 -1.55 -6.47 22.72
C LYS D 57 -2.17 -7.83 23.05
N ASP D 58 -1.65 -8.49 24.09
CA ASP D 58 -2.10 -9.80 24.58
C ASP D 58 -1.98 -10.85 23.48
N ILE D 59 -0.71 -11.15 23.15
CA ILE D 59 -0.39 -11.93 21.96
C ILE D 59 -0.95 -13.35 22.04
N MET D 60 -1.34 -13.86 20.88
CA MET D 60 -1.93 -15.19 20.80
C MET D 60 -0.86 -16.26 20.99
N VAL D 61 -1.33 -17.49 21.24
CA VAL D 61 -0.47 -18.62 21.53
C VAL D 61 -0.49 -19.65 20.40
N LYS D 62 -1.57 -19.67 19.59
CA LYS D 62 -1.94 -20.56 18.47
C LYS D 62 -2.43 -21.92 18.99
N SER D 63 -2.30 -22.15 20.30
CA SER D 63 -2.88 -23.34 20.91
C SER D 63 -4.08 -23.05 21.78
N LEU D 64 -4.08 -21.92 22.48
CA LEU D 64 -5.25 -21.47 23.20
C LEU D 64 -6.33 -21.05 22.20
N PRO D 65 -7.61 -21.07 22.60
CA PRO D 65 -8.68 -20.74 21.64
C PRO D 65 -8.77 -19.28 21.21
N ALA D 66 -7.79 -18.41 21.55
CA ALA D 66 -7.55 -17.15 20.85
C ALA D 66 -8.71 -16.17 20.88
N LEU D 67 -8.92 -15.50 22.03
CA LEU D 67 -10.13 -14.76 22.39
C LEU D 67 -11.31 -15.73 22.51
N ASN D 68 -11.22 -16.60 23.51
CA ASN D 68 -12.26 -17.55 23.87
C ASN D 68 -13.49 -16.87 24.45
#